data_2R7G
#
_entry.id   2R7G
#
_cell.length_a   57.713
_cell.length_b   57.706
_cell.length_c   92.268
_cell.angle_alpha   94.340
_cell.angle_beta   92.690
_cell.angle_gamma   105.790
#
_symmetry.space_group_name_H-M   'P 1'
#
loop_
_entity.id
_entity.type
_entity.pdbx_description
1 polymer 'Retinoblastoma-associated protein'
2 polymer 'Early E1A 32 kDa protein'
3 non-polymer 'SULFATE ION'
4 water water
#
loop_
_entity_poly.entity_id
_entity_poly.type
_entity_poly.pdbx_seq_one_letter_code
_entity_poly.pdbx_strand_id
1 'polypeptide(L)'
;NTIQQLMMILNSASDQPSENLISYFNNCTVNPKESILKRVKDIGYIFKEKFAKAVGQGCVEIGSQRYKLGVRLYYRVMES
MLKSEEERLSIQNFSKLLNDNIFHMSLLACALEVVMATYSRSTSQNLDSGTDLSFPWILNVLNLKAFDFYKVIESFIKAE
GNLTREMIKHLERCEHRIMESLAWLSDSPLFDLIKQSKDREGKSTSLSLFYKKVYRLAYLRLNTLCERLLSEHPELEHII
WTLFQHTLQNEYELMRDRHLDQIMMCSMYGICKVKNIDLKFKIIVTAYKDLPHAVQETFKRVLIKEEEYDSIIVFYNSVF
MQRLKTNILQYASTRPPTLSPIPHIPR
;
A,C
2 'polypeptide(L)' PPTLHELYDL B,D,E
#
# COMPACT_ATOMS: atom_id res chain seq x y z
N ASN A 1 21.42 6.91 -28.64
CA ASN A 1 21.55 7.90 -27.51
C ASN A 1 22.59 7.55 -26.46
N THR A 2 23.01 8.57 -25.71
CA THR A 2 24.19 8.46 -24.85
C THR A 2 23.85 8.84 -23.42
N ILE A 3 24.73 8.44 -22.50
CA ILE A 3 24.61 8.83 -21.10
C ILE A 3 24.54 10.34 -20.99
N GLN A 4 25.49 11.02 -21.63
CA GLN A 4 25.52 12.46 -21.56
C GLN A 4 24.21 13.12 -22.02
N GLN A 5 23.60 12.63 -23.10
CA GLN A 5 22.32 13.18 -23.55
C GLN A 5 21.20 13.08 -22.49
N LEU A 6 21.07 11.91 -21.86
CA LEU A 6 20.06 11.71 -20.82
C LEU A 6 20.35 12.61 -19.63
N MET A 7 21.61 12.63 -19.20
CA MET A 7 21.98 13.40 -18.03
C MET A 7 21.82 14.91 -18.27
N MET A 8 22.05 15.38 -19.50
CA MET A 8 21.76 16.79 -19.82
C MET A 8 20.25 17.08 -19.66
N ILE A 9 19.43 16.19 -20.19
CA ILE A 9 17.98 16.33 -20.05
C ILE A 9 17.57 16.48 -18.58
N LEU A 10 18.04 15.56 -17.74
CA LEU A 10 17.73 15.60 -16.33
C LEU A 10 18.28 16.82 -15.60
N ASN A 11 19.45 17.32 -16.00
CA ASN A 11 20.00 18.48 -15.32
C ASN A 11 19.19 19.75 -15.66
N SER A 12 18.49 19.72 -16.79
CA SER A 12 17.70 20.86 -17.26
C SER A 12 16.27 20.81 -16.78
N ALA A 13 15.87 19.64 -16.27
CA ALA A 13 14.49 19.36 -15.92
C ALA A 13 14.10 20.01 -14.60
N SER A 14 12.79 20.14 -14.41
CA SER A 14 12.23 20.74 -13.19
C SER A 14 12.12 19.72 -12.06
N ASP A 15 12.34 20.22 -10.83
CA ASP A 15 12.16 19.47 -9.58
C ASP A 15 10.69 19.29 -9.18
N GLN A 16 9.81 20.06 -9.81
CA GLN A 16 8.38 20.01 -9.47
C GLN A 16 7.61 19.39 -10.64
N PRO A 17 6.41 18.85 -10.36
CA PRO A 17 5.56 18.35 -11.44
C PRO A 17 5.22 19.46 -12.42
N SER A 18 5.11 19.11 -13.69
CA SER A 18 4.69 20.06 -14.72
C SER A 18 3.21 20.43 -14.53
N GLU A 19 2.77 21.47 -15.22
CA GLU A 19 1.34 21.80 -15.24
C GLU A 19 0.48 20.66 -15.78
N ASN A 20 0.99 19.91 -16.77
CA ASN A 20 0.29 18.74 -17.31
C ASN A 20 0.06 17.70 -16.23
N LEU A 21 1.12 17.38 -15.49
CA LEU A 21 1.02 16.44 -14.37
C LEU A 21 0.02 16.91 -13.33
N ILE A 22 0.13 18.18 -12.95
CA ILE A 22 -0.79 18.77 -11.96
C ILE A 22 -2.24 18.65 -12.46
N SER A 23 -2.44 18.86 -13.77
CA SER A 23 -3.75 18.64 -14.38
C SER A 23 -4.26 17.22 -14.14
N TYR A 24 -3.39 16.22 -14.33
CA TYR A 24 -3.77 14.83 -14.08
C TYR A 24 -4.15 14.65 -12.60
N PHE A 25 -3.38 15.25 -11.71
CA PHE A 25 -3.61 15.08 -10.28
C PHE A 25 -4.99 15.65 -9.94
N ASN A 26 -5.28 16.83 -10.47
CA ASN A 26 -6.49 17.55 -10.14
C ASN A 26 -7.78 16.91 -10.71
N ASN A 27 -7.62 16.04 -11.71
CA ASN A 27 -8.74 15.31 -12.33
C ASN A 27 -9.08 14.00 -11.60
N CYS A 28 -8.26 13.65 -10.58
CA CYS A 28 -8.52 12.43 -9.80
C CYS A 28 -9.65 12.64 -8.79
N THR A 29 -10.46 11.59 -8.61
CA THR A 29 -11.48 11.60 -7.56
C THR A 29 -10.86 11.94 -6.18
N VAL A 30 -9.69 11.38 -5.92
CA VAL A 30 -8.95 11.69 -4.67
C VAL A 30 -7.68 12.38 -5.12
N ASN A 31 -7.48 13.64 -4.70
CA ASN A 31 -6.34 14.41 -5.18
C ASN A 31 -5.02 13.90 -4.58
N PRO A 32 -4.10 13.40 -5.43
CA PRO A 32 -2.86 12.82 -4.92
C PRO A 32 -1.70 13.80 -4.79
N LYS A 33 -1.90 15.08 -5.15
CA LYS A 33 -0.77 16.02 -5.28
C LYS A 33 0.04 16.12 -3.99
N GLU A 34 -0.63 16.36 -2.88
CA GLU A 34 0.13 16.57 -1.63
C GLU A 34 0.89 15.30 -1.21
N SER A 35 0.25 14.14 -1.33
CA SER A 35 0.92 12.86 -1.03
C SER A 35 2.16 12.68 -1.89
N ILE A 36 2.03 13.02 -3.18
CA ILE A 36 3.14 12.84 -4.10
C ILE A 36 4.33 13.77 -3.76
N LEU A 37 4.04 15.05 -3.51
CA LEU A 37 5.10 16.00 -3.14
C LEU A 37 5.76 15.65 -1.82
N LYS A 38 4.96 15.23 -0.86
CA LYS A 38 5.51 14.90 0.47
C LYS A 38 6.30 13.61 0.44
N ARG A 39 5.85 12.65 -0.36
CA ARG A 39 6.56 11.39 -0.50
C ARG A 39 7.94 11.65 -1.07
N VAL A 40 8.02 12.46 -2.13
CA VAL A 40 9.34 12.83 -2.73
C VAL A 40 10.26 13.46 -1.67
N LYS A 41 9.72 14.39 -0.88
CA LYS A 41 10.52 15.04 0.17
C LYS A 41 10.98 14.05 1.23
N ASP A 42 10.05 13.24 1.74
CA ASP A 42 10.36 12.30 2.82
C ASP A 42 11.39 11.24 2.40
N ILE A 43 11.23 10.68 1.22
CA ILE A 43 12.16 9.66 0.74
C ILE A 43 13.54 10.30 0.51
N GLY A 44 13.55 11.59 0.16
CA GLY A 44 14.81 12.37 0.09
C GLY A 44 15.63 12.26 1.37
N TYR A 45 14.98 12.39 2.53
CA TYR A 45 15.64 12.26 3.85
C TYR A 45 16.33 10.92 3.95
N ILE A 46 15.57 9.87 3.68
CA ILE A 46 16.00 8.50 3.83
C ILE A 46 17.13 8.20 2.84
N PHE A 47 16.94 8.59 1.57
CA PHE A 47 17.91 8.29 0.55
C PHE A 47 19.24 8.94 0.86
N LYS A 48 19.23 10.22 1.20
CA LYS A 48 20.53 10.88 1.33
C LYS A 48 21.32 10.33 2.52
N GLU A 49 20.62 9.89 3.54
CA GLU A 49 21.31 9.35 4.74
C GLU A 49 21.87 7.94 4.50
N LYS A 50 21.12 7.14 3.74
CA LYS A 50 21.56 5.81 3.37
C LYS A 50 22.68 5.86 2.32
N PHE A 51 22.60 6.82 1.42
CA PHE A 51 23.68 7.04 0.45
C PHE A 51 24.96 7.40 1.19
N ALA A 52 24.86 8.32 2.15
CA ALA A 52 26.08 8.70 2.92
C ALA A 52 26.66 7.53 3.75
N LYS A 53 25.78 6.68 4.31
CA LYS A 53 26.21 5.47 5.00
C LYS A 53 26.99 4.52 4.06
N ALA A 54 26.51 4.38 2.82
CA ALA A 54 27.13 3.48 1.86
C ALA A 54 28.45 4.01 1.28
N VAL A 55 28.52 5.31 1.02
CA VAL A 55 29.64 5.90 0.24
C VAL A 55 30.63 6.71 1.08
N GLY A 56 30.19 7.24 2.22
CA GLY A 56 31.04 8.08 3.07
C GLY A 56 30.31 9.31 3.56
N GLN A 57 30.58 9.73 4.80
CA GLN A 57 29.81 10.84 5.42
C GLN A 57 29.95 12.17 4.68
N GLY A 58 31.08 12.35 3.98
CA GLY A 58 31.31 13.54 3.16
C GLY A 58 30.52 13.58 1.86
N CYS A 59 29.76 12.53 1.58
CA CYS A 59 29.02 12.42 0.30
C CYS A 59 27.53 12.71 0.39
N VAL A 60 27.06 13.30 1.50
CA VAL A 60 25.62 13.59 1.67
C VAL A 60 25.05 14.51 0.56
N GLU A 61 25.79 15.56 0.22
CA GLU A 61 25.31 16.53 -0.77
C GLU A 61 25.35 16.00 -2.22
N ILE A 62 26.36 15.18 -2.52
CA ILE A 62 26.40 14.41 -3.77
C ILE A 62 25.18 13.49 -3.85
N GLY A 63 24.86 12.83 -2.73
CA GLY A 63 23.69 11.95 -2.67
C GLY A 63 22.41 12.74 -2.90
N SER A 64 22.34 13.94 -2.32
CA SER A 64 21.17 14.81 -2.50
C SER A 64 20.99 15.14 -3.96
N GLN A 65 22.10 15.43 -4.64
CA GLN A 65 22.02 15.85 -6.04
C GLN A 65 21.63 14.68 -6.93
N ARG A 66 22.18 13.51 -6.64
CA ARG A 66 21.79 12.31 -7.40
C ARG A 66 20.33 11.95 -7.17
N TYR A 67 19.86 12.09 -5.92
CA TYR A 67 18.43 11.93 -5.64
C TYR A 67 17.57 12.87 -6.51
N LYS A 68 17.98 14.15 -6.57
CA LYS A 68 17.23 15.15 -7.37
C LYS A 68 17.14 14.74 -8.83
N LEU A 69 18.22 14.19 -9.39
CA LEU A 69 18.19 13.70 -10.79
C LEU A 69 17.21 12.55 -10.96
N GLY A 70 17.22 11.65 -9.97
CA GLY A 70 16.24 10.56 -9.91
C GLY A 70 14.80 11.05 -9.90
N VAL A 71 14.51 12.03 -9.05
CA VAL A 71 13.16 12.63 -8.95
C VAL A 71 12.75 13.24 -10.30
N ARG A 72 13.68 13.96 -10.94
CA ARG A 72 13.33 14.56 -12.22
C ARG A 72 12.97 13.51 -13.26
N LEU A 73 13.68 12.39 -13.23
CA LEU A 73 13.44 11.30 -14.19
C LEU A 73 12.07 10.67 -13.90
N TYR A 74 11.80 10.51 -12.61
CA TYR A 74 10.52 9.97 -12.09
C TYR A 74 9.35 10.81 -12.58
N TYR A 75 9.42 12.14 -12.42
CA TYR A 75 8.34 13.01 -12.96
C TYR A 75 8.19 12.94 -14.47
N ARG A 76 9.31 12.88 -15.19
CA ARG A 76 9.25 12.79 -16.66
C ARG A 76 8.53 11.52 -17.06
N VAL A 77 8.97 10.40 -16.47
CA VAL A 77 8.40 9.13 -16.86
C VAL A 77 6.96 9.04 -16.41
N MET A 78 6.65 9.57 -15.23
CA MET A 78 5.25 9.53 -14.75
C MET A 78 4.33 10.19 -15.76
N GLU A 79 4.73 11.39 -16.19
CA GLU A 79 3.89 12.15 -17.15
C GLU A 79 3.73 11.38 -18.46
N SER A 80 4.85 10.83 -18.95
CA SER A 80 4.83 10.00 -20.16
C SER A 80 3.89 8.79 -20.03
N MET A 81 3.99 8.07 -18.90
CA MET A 81 3.12 6.92 -18.66
C MET A 81 1.65 7.28 -18.61
N LEU A 82 1.36 8.39 -17.93
CA LEU A 82 -0.03 8.84 -17.84
C LEU A 82 -0.57 9.25 -19.20
N LYS A 83 0.21 10.01 -19.94
CA LYS A 83 -0.18 10.36 -21.33
C LYS A 83 -0.52 9.13 -22.17
N SER A 84 0.34 8.11 -22.06
CA SER A 84 0.14 6.87 -22.80
C SER A 84 -1.13 6.14 -22.36
N GLU A 85 -1.31 6.02 -21.05
CA GLU A 85 -2.49 5.37 -20.49
C GLU A 85 -3.78 6.10 -20.92
N GLU A 86 -3.76 7.44 -20.88
CA GLU A 86 -4.94 8.19 -21.29
C GLU A 86 -5.21 7.97 -22.78
N GLU A 87 -4.15 8.03 -23.60
CA GLU A 87 -4.30 7.82 -25.05
C GLU A 87 -4.88 6.44 -25.33
N ARG A 88 -4.35 5.41 -24.67
CA ARG A 88 -4.75 4.02 -24.94
C ARG A 88 -6.20 3.71 -24.52
N LEU A 89 -6.64 4.31 -23.41
CA LEU A 89 -7.99 4.02 -22.91
C LEU A 89 -9.01 5.11 -23.25
N SER A 90 -8.53 6.22 -23.81
CA SER A 90 -9.33 7.43 -24.14
C SER A 90 -10.03 8.10 -22.95
N ILE A 91 -9.54 7.83 -21.76
CA ILE A 91 -10.10 8.41 -20.55
C ILE A 91 -9.01 8.50 -19.49
N GLN A 92 -9.15 9.46 -18.59
CA GLN A 92 -8.39 9.48 -17.34
C GLN A 92 -9.16 8.78 -16.25
N ASN A 93 -8.59 7.67 -15.75
CA ASN A 93 -9.15 6.96 -14.59
C ASN A 93 -7.93 6.61 -13.77
N PHE A 94 -7.37 7.63 -13.11
CA PHE A 94 -6.02 7.60 -12.54
C PHE A 94 -5.99 7.68 -11.03
N SER A 95 -7.15 7.87 -10.39
CA SER A 95 -7.14 8.11 -8.92
C SER A 95 -6.56 6.92 -8.14
N LYS A 96 -7.05 5.69 -8.39
CA LYS A 96 -6.55 4.54 -7.63
C LYS A 96 -5.05 4.31 -7.86
N LEU A 97 -4.60 4.52 -9.10
CA LEU A 97 -3.20 4.33 -9.44
C LEU A 97 -2.36 5.42 -8.76
N LEU A 98 -2.78 6.66 -8.90
CA LEU A 98 -1.93 7.80 -8.46
C LEU A 98 -1.93 7.97 -6.94
N ASN A 99 -2.91 7.37 -6.27
CA ASN A 99 -2.93 7.36 -4.82
C ASN A 99 -2.32 6.10 -4.23
N ASP A 100 -1.78 5.26 -5.10
CA ASP A 100 -1.09 4.02 -4.67
C ASP A 100 0.37 4.29 -4.31
N ASN A 101 0.69 4.33 -3.02
CA ASN A 101 2.06 4.56 -2.56
C ASN A 101 3.05 3.58 -3.22
N ILE A 102 2.62 2.35 -3.43
CA ILE A 102 3.50 1.34 -4.02
C ILE A 102 3.84 1.62 -5.52
N PHE A 103 2.87 2.13 -6.28
CA PHE A 103 3.16 2.56 -7.67
C PHE A 103 4.26 3.62 -7.65
N HIS A 104 4.06 4.65 -6.82
CA HIS A 104 5.01 5.76 -6.73
C HIS A 104 6.38 5.29 -6.25
N MET A 105 6.42 4.47 -5.20
CA MET A 105 7.71 3.96 -4.73
C MET A 105 8.43 3.13 -5.79
N SER A 106 7.69 2.35 -6.58
CA SER A 106 8.31 1.52 -7.61
C SER A 106 8.86 2.38 -8.76
N LEU A 107 8.10 3.41 -9.12
CA LEU A 107 8.50 4.27 -10.23
C LEU A 107 9.72 5.06 -9.81
N LEU A 108 9.69 5.60 -8.60
CA LEU A 108 10.83 6.36 -8.09
C LEU A 108 12.07 5.47 -7.94
N ALA A 109 11.87 4.24 -7.45
CA ALA A 109 12.98 3.27 -7.36
C ALA A 109 13.61 2.93 -8.71
N CYS A 110 12.78 2.80 -9.74
CA CYS A 110 13.26 2.54 -11.09
C CYS A 110 14.06 3.72 -11.65
N ALA A 111 13.54 4.94 -11.49
CA ALA A 111 14.28 6.17 -11.83
C ALA A 111 15.62 6.21 -11.10
N LEU A 112 15.60 5.96 -9.78
CA LEU A 112 16.83 5.98 -8.99
C LEU A 112 17.80 4.87 -9.43
N GLU A 113 17.26 3.71 -9.83
CA GLU A 113 18.11 2.63 -10.35
C GLU A 113 18.90 3.09 -11.58
N VAL A 114 18.22 3.74 -12.52
CA VAL A 114 18.88 4.20 -13.73
C VAL A 114 20.03 5.13 -13.33
N VAL A 115 19.76 6.03 -12.39
CA VAL A 115 20.79 6.95 -11.89
C VAL A 115 21.91 6.22 -11.16
N MET A 116 21.57 5.35 -10.20
CA MET A 116 22.60 4.61 -9.44
C MET A 116 23.46 3.72 -10.35
N ALA A 117 22.82 3.03 -11.29
CA ALA A 117 23.57 2.14 -12.18
C ALA A 117 24.49 2.91 -13.11
N THR A 118 24.05 4.09 -13.55
CA THR A 118 24.90 4.90 -14.40
C THR A 118 26.14 5.39 -13.65
N TYR A 119 25.98 5.91 -12.44
CA TYR A 119 27.16 6.31 -11.65
C TYR A 119 28.06 5.16 -11.22
N SER A 120 27.48 3.97 -11.09
CA SER A 120 28.18 2.81 -10.53
C SER A 120 28.98 2.07 -11.58
N ARG A 121 28.76 2.42 -12.84
CA ARG A 121 29.52 1.88 -13.94
C ARG A 121 30.92 2.50 -13.88
N SER A 122 30.95 3.84 -13.76
CA SER A 122 32.14 4.69 -13.86
C SER A 122 33.18 4.49 -12.72
N THR A 123 33.08 5.35 -11.70
CA THR A 123 34.09 5.54 -10.63
C THR A 123 35.20 4.47 -10.55
N GLY A 130 34.10 3.22 -6.92
CA GLY A 130 34.30 2.75 -5.56
C GLY A 130 33.29 1.68 -5.18
N THR A 131 32.12 2.13 -4.73
CA THR A 131 31.09 1.22 -4.21
C THR A 131 29.92 1.06 -5.18
N ASP A 132 29.43 -0.17 -5.30
CA ASP A 132 28.41 -0.51 -6.29
C ASP A 132 27.01 -0.33 -5.69
N LEU A 133 26.30 0.68 -6.19
CA LEU A 133 24.95 0.96 -5.67
C LEU A 133 23.84 0.54 -6.62
N SER A 134 24.20 -0.37 -7.53
CA SER A 134 23.28 -0.94 -8.51
C SER A 134 22.30 -1.93 -7.87
N PHE A 135 21.28 -2.27 -8.64
CA PHE A 135 20.27 -3.22 -8.19
C PHE A 135 20.91 -4.44 -7.52
N PRO A 136 20.33 -4.93 -6.40
CA PRO A 136 19.13 -4.50 -5.69
C PRO A 136 19.29 -3.49 -4.56
N TRP A 137 20.40 -2.74 -4.54
CA TRP A 137 20.62 -1.79 -3.45
C TRP A 137 19.41 -0.87 -3.18
N ILE A 138 18.81 -0.36 -4.25
CA ILE A 138 17.74 0.62 -4.11
C ILE A 138 16.49 0.01 -3.44
N LEU A 139 16.32 -1.30 -3.59
CA LEU A 139 15.14 -1.95 -2.98
C LEU A 139 15.27 -1.88 -1.47
N ASN A 140 16.45 -2.22 -0.96
CA ASN A 140 16.68 -2.15 0.48
C ASN A 140 16.60 -0.72 1.00
N VAL A 141 17.12 0.23 0.24
CA VAL A 141 17.05 1.64 0.65
C VAL A 141 15.61 2.08 0.87
N LEU A 142 14.71 1.65 -0.02
CA LEU A 142 13.35 2.13 -0.06
C LEU A 142 12.36 1.21 0.64
N ASN A 143 12.84 0.08 1.19
CA ASN A 143 11.94 -0.91 1.78
C ASN A 143 10.90 -1.36 0.76
N LEU A 144 11.35 -1.55 -0.49
CA LEU A 144 10.47 -1.93 -1.62
C LEU A 144 10.71 -3.38 -2.03
N LYS A 145 9.64 -4.13 -2.27
CA LYS A 145 9.80 -5.52 -2.69
C LYS A 145 10.05 -5.63 -4.19
N ALA A 146 10.92 -6.57 -4.54
CA ALA A 146 11.23 -6.88 -5.92
C ALA A 146 10.02 -7.01 -6.84
N PHE A 147 9.00 -7.77 -6.42
CA PHE A 147 7.80 -7.96 -7.24
C PHE A 147 7.11 -6.63 -7.61
N ASP A 148 7.06 -5.71 -6.65
CA ASP A 148 6.49 -4.39 -6.91
C ASP A 148 7.33 -3.58 -7.90
N PHE A 149 8.65 -3.57 -7.73
CA PHE A 149 9.57 -2.91 -8.66
C PHE A 149 9.37 -3.44 -10.09
N TYR A 150 9.25 -4.76 -10.20
CA TYR A 150 9.04 -5.43 -11.49
C TYR A 150 7.93 -4.79 -12.32
N LYS A 151 6.81 -4.45 -11.69
CA LYS A 151 5.63 -3.99 -12.40
C LYS A 151 5.87 -2.78 -13.30
N VAL A 152 6.86 -1.93 -12.96
CA VAL A 152 7.04 -0.70 -13.72
C VAL A 152 8.10 -0.78 -14.84
N ILE A 153 8.91 -1.84 -14.88
CA ILE A 153 10.12 -1.84 -15.71
C ILE A 153 9.81 -1.69 -17.18
N GLU A 154 8.99 -2.57 -17.73
CA GLU A 154 8.66 -2.49 -19.16
C GLU A 154 8.07 -1.12 -19.52
N SER A 155 7.13 -0.64 -18.68
CA SER A 155 6.46 0.63 -18.93
C SER A 155 7.44 1.82 -18.83
N PHE A 156 8.38 1.73 -17.88
CA PHE A 156 9.45 2.74 -17.73
C PHE A 156 10.30 2.82 -19.01
N ILE A 157 10.75 1.66 -19.49
CA ILE A 157 11.56 1.59 -20.70
C ILE A 157 10.83 2.28 -21.86
N LYS A 158 9.55 1.96 -22.05
CA LYS A 158 8.77 2.56 -23.14
C LYS A 158 8.62 4.06 -22.96
N ALA A 159 8.49 4.50 -21.71
CA ALA A 159 8.24 5.91 -21.39
C ALA A 159 9.44 6.84 -21.53
N GLU A 160 10.67 6.32 -21.45
CA GLU A 160 11.85 7.18 -21.52
C GLU A 160 12.66 6.85 -22.75
N GLY A 161 12.38 7.59 -23.82
CA GLY A 161 13.01 7.34 -25.11
C GLY A 161 14.48 7.70 -25.16
N ASN A 162 14.98 8.33 -24.11
CA ASN A 162 16.40 8.71 -24.06
C ASN A 162 17.28 7.73 -23.30
N LEU A 163 16.74 6.59 -22.90
CA LEU A 163 17.56 5.56 -22.25
C LEU A 163 18.57 4.97 -23.24
N THR A 164 19.79 4.73 -22.77
CA THR A 164 20.78 4.10 -23.63
C THR A 164 20.47 2.62 -23.77
N ARG A 165 21.05 1.97 -24.78
CA ARG A 165 20.90 0.52 -24.94
C ARG A 165 21.41 -0.22 -23.69
N GLU A 166 22.51 0.28 -23.12
CA GLU A 166 23.09 -0.31 -21.91
C GLU A 166 22.13 -0.18 -20.70
N MET A 167 21.47 0.98 -20.59
CA MET A 167 20.49 1.18 -19.50
C MET A 167 19.31 0.25 -19.65
N ILE A 168 18.83 0.09 -20.88
CA ILE A 168 17.69 -0.79 -21.16
C ILE A 168 18.06 -2.24 -20.83
N LYS A 169 19.23 -2.67 -21.29
CA LYS A 169 19.71 -4.01 -21.02
C LYS A 169 19.81 -4.25 -19.51
N HIS A 170 20.30 -3.25 -18.77
CA HIS A 170 20.40 -3.35 -17.30
C HIS A 170 19.05 -3.58 -16.65
N LEU A 171 18.05 -2.80 -17.04
CA LEU A 171 16.74 -2.89 -16.44
C LEU A 171 16.10 -4.23 -16.81
N GLU A 172 16.40 -4.72 -18.01
CA GLU A 172 15.93 -6.05 -18.43
C GLU A 172 16.58 -7.14 -17.59
N ARG A 173 17.87 -6.97 -17.27
CA ARG A 173 18.58 -7.89 -16.39
C ARG A 173 17.94 -7.87 -14.99
N CYS A 174 17.58 -6.67 -14.50
CA CYS A 174 16.89 -6.55 -13.21
C CYS A 174 15.56 -7.31 -13.24
N GLU A 175 14.81 -7.17 -14.33
CA GLU A 175 13.52 -7.83 -14.49
C GLU A 175 13.72 -9.34 -14.41
N HIS A 176 14.73 -9.83 -15.12
CA HIS A 176 15.02 -11.27 -15.11
C HIS A 176 15.39 -11.81 -13.74
N ARG A 177 16.18 -11.05 -12.98
CA ARG A 177 16.57 -11.47 -11.64
C ARG A 177 15.34 -11.53 -10.74
N ILE A 178 14.40 -10.59 -10.93
CA ILE A 178 13.17 -10.58 -10.15
C ILE A 178 12.34 -11.82 -10.45
N MET A 179 12.20 -12.10 -11.75
CA MET A 179 11.39 -13.20 -12.23
C MET A 179 11.94 -14.56 -11.80
N GLU A 180 13.26 -14.66 -11.73
CA GLU A 180 13.90 -15.96 -11.50
C GLU A 180 14.03 -16.30 -10.02
N SER A 181 14.08 -15.30 -9.15
CA SER A 181 14.26 -15.57 -7.72
C SER A 181 13.72 -14.50 -6.75
N LEU A 182 14.02 -13.22 -6.99
CA LEU A 182 13.66 -12.20 -5.97
C LEU A 182 12.17 -12.15 -5.71
N ALA A 183 11.36 -12.29 -6.76
CA ALA A 183 9.90 -12.27 -6.60
C ALA A 183 9.36 -13.49 -5.83
N TRP A 184 10.19 -14.53 -5.65
CA TRP A 184 9.80 -15.76 -4.99
C TRP A 184 10.35 -15.90 -3.56
N LEU A 185 10.99 -14.86 -3.04
CA LEU A 185 11.42 -14.87 -1.64
C LEU A 185 10.19 -14.87 -0.73
N SER A 186 10.36 -15.37 0.50
CA SER A 186 9.26 -15.49 1.45
C SER A 186 8.58 -14.17 1.81
N ASP A 187 9.27 -13.05 1.56
CA ASP A 187 8.71 -11.71 1.86
C ASP A 187 7.96 -11.10 0.64
N SER A 188 7.76 -11.90 -0.41
CA SER A 188 7.24 -11.35 -1.64
C SER A 188 5.71 -11.32 -1.68
N PRO A 189 5.11 -10.16 -2.04
CA PRO A 189 3.65 -10.03 -2.19
C PRO A 189 3.09 -11.06 -3.17
N LEU A 190 3.95 -11.60 -4.03
CA LEU A 190 3.55 -12.61 -5.01
C LEU A 190 2.74 -13.74 -4.38
N PHE A 191 3.16 -14.23 -3.21
CA PHE A 191 2.48 -15.39 -2.61
C PHE A 191 1.07 -15.09 -2.14
N ASP A 192 0.83 -13.85 -1.70
CA ASP A 192 -0.54 -13.46 -1.36
C ASP A 192 -1.40 -13.32 -2.59
N LEU A 193 -0.80 -12.88 -3.69
CA LEU A 193 -1.52 -12.79 -4.95
C LEU A 193 -1.89 -14.18 -5.48
N ILE A 194 -0.95 -15.13 -5.39
CA ILE A 194 -1.23 -16.51 -5.79
C ILE A 194 -2.36 -17.08 -4.93
N LYS A 195 -2.24 -16.91 -3.61
CA LYS A 195 -3.25 -17.40 -2.68
C LYS A 195 -4.63 -16.82 -2.98
N GLN A 196 -4.69 -15.51 -3.20
CA GLN A 196 -5.95 -14.82 -3.55
C GLN A 196 -6.62 -15.49 -4.76
N SER A 197 -5.81 -15.82 -5.75
CA SER A 197 -6.28 -16.45 -6.97
C SER A 197 -6.63 -17.94 -6.78
N LYS A 198 -5.79 -18.68 -6.03
CA LYS A 198 -5.99 -20.12 -5.78
C LYS A 198 -7.17 -20.47 -4.86
N ASP A 199 -7.44 -19.60 -3.88
CA ASP A 199 -8.60 -19.77 -2.98
C ASP A 199 -9.91 -19.46 -3.71
N LYS A 203 -8.94 -13.41 -11.72
CA LYS A 203 -8.82 -12.76 -10.43
C LYS A 203 -7.74 -11.68 -10.41
N SER A 204 -6.58 -11.97 -10.99
CA SER A 204 -5.49 -10.99 -11.06
C SER A 204 -4.90 -10.93 -12.45
N THR A 205 -5.03 -9.76 -13.07
CA THR A 205 -4.46 -9.51 -14.38
C THR A 205 -2.94 -9.40 -14.22
N SER A 206 -2.50 -8.78 -13.11
CA SER A 206 -1.05 -8.65 -12.88
C SER A 206 -0.41 -10.03 -12.63
N LEU A 207 -1.11 -10.91 -11.91
CA LEU A 207 -0.58 -12.28 -11.71
C LEU A 207 -0.42 -13.00 -13.05
N SER A 208 -1.43 -12.92 -13.89
CA SER A 208 -1.37 -13.53 -15.22
C SER A 208 -0.20 -13.00 -16.05
N LEU A 209 -0.02 -11.68 -16.07
CA LEU A 209 1.06 -11.08 -16.84
C LEU A 209 2.43 -11.54 -16.37
N PHE A 210 2.61 -11.53 -15.04
CA PHE A 210 3.83 -12.02 -14.43
C PHE A 210 4.11 -13.47 -14.83
N TYR A 211 3.12 -14.34 -14.65
CA TYR A 211 3.34 -15.76 -14.96
C TYR A 211 3.68 -15.99 -16.45
N LYS A 212 3.04 -15.22 -17.32
CA LYS A 212 3.28 -15.30 -18.76
C LYS A 212 4.75 -14.99 -19.06
N LYS A 213 5.28 -13.96 -18.40
CA LYS A 213 6.68 -13.57 -18.57
C LYS A 213 7.64 -14.60 -17.98
N VAL A 214 7.29 -15.14 -16.82
CA VAL A 214 8.11 -16.22 -16.21
C VAL A 214 8.17 -17.44 -17.14
N TYR A 215 7.02 -17.85 -17.66
CA TYR A 215 6.97 -19.01 -18.58
C TYR A 215 7.89 -18.86 -19.81
N ARG A 216 7.92 -17.66 -20.38
CA ARG A 216 8.74 -17.39 -21.57
C ARG A 216 10.21 -17.49 -21.22
N LEU A 217 10.61 -16.86 -20.12
CA LEU A 217 12.00 -16.92 -19.63
C LEU A 217 12.40 -18.37 -19.32
N ALA A 218 11.53 -19.08 -18.61
CA ALA A 218 11.74 -20.48 -18.20
C ALA A 218 11.92 -21.37 -19.41
N TYR A 219 11.02 -21.22 -20.38
CA TYR A 219 11.06 -22.04 -21.57
C TYR A 219 12.31 -21.79 -22.40
N LEU A 220 12.68 -20.53 -22.58
CA LEU A 220 13.86 -20.20 -23.37
C LEU A 220 15.14 -20.80 -22.76
N ARG A 221 15.24 -20.77 -21.44
CA ARG A 221 16.40 -21.35 -20.74
C ARG A 221 16.41 -22.85 -20.85
N LEU A 222 15.23 -23.47 -20.75
CA LEU A 222 15.06 -24.92 -20.89
C LEU A 222 15.48 -25.34 -22.29
N ASN A 223 15.00 -24.60 -23.28
CA ASN A 223 15.33 -24.89 -24.67
C ASN A 223 16.83 -24.90 -24.95
N THR A 224 17.55 -23.93 -24.40
CA THR A 224 19.02 -23.86 -24.57
C THR A 224 19.71 -25.10 -24.01
N LEU A 225 19.29 -25.53 -22.82
CA LEU A 225 19.86 -26.74 -22.20
C LEU A 225 19.50 -28.01 -22.94
N CYS A 226 18.28 -28.09 -23.43
CA CYS A 226 17.80 -29.26 -24.16
C CYS A 226 18.47 -29.40 -25.52
N GLU A 227 18.78 -28.27 -26.14
CA GLU A 227 19.47 -28.29 -27.43
C GLU A 227 20.95 -28.70 -27.31
N ARG A 228 21.53 -28.49 -26.13
CA ARG A 228 22.91 -28.92 -25.86
C ARG A 228 23.02 -30.35 -25.34
N LEU A 229 22.07 -30.74 -24.50
CA LEU A 229 22.14 -32.02 -23.80
C LEU A 229 21.32 -33.12 -24.44
N LEU A 230 20.19 -32.76 -25.05
CA LEU A 230 19.18 -33.74 -25.46
C LEU A 230 18.89 -33.72 -26.97
N SER A 231 19.89 -33.31 -27.74
CA SER A 231 19.84 -33.31 -29.20
C SER A 231 19.40 -34.68 -29.77
N GLU A 232 19.88 -35.76 -29.14
CA GLU A 232 19.58 -37.13 -29.57
C GLU A 232 18.15 -37.56 -29.25
N HIS A 233 17.55 -36.88 -28.28
CA HIS A 233 16.21 -37.20 -27.83
C HIS A 233 15.33 -35.94 -27.92
N PRO A 234 14.86 -35.60 -29.15
CA PRO A 234 14.15 -34.34 -29.38
C PRO A 234 12.79 -34.24 -28.71
N GLU A 235 12.17 -35.39 -28.41
CA GLU A 235 10.83 -35.43 -27.83
C GLU A 235 10.79 -34.99 -26.36
N LEU A 236 11.95 -34.99 -25.72
CA LEU A 236 12.05 -34.79 -24.28
C LEU A 236 11.71 -33.37 -23.83
N GLU A 237 12.10 -32.38 -24.63
CA GLU A 237 11.93 -30.97 -24.26
C GLU A 237 10.48 -30.60 -23.94
N HIS A 238 9.54 -31.08 -24.74
CA HIS A 238 8.13 -30.74 -24.53
C HIS A 238 7.60 -31.38 -23.25
N ILE A 239 8.08 -32.59 -22.95
CA ILE A 239 7.70 -33.32 -21.74
C ILE A 239 8.32 -32.66 -20.50
N ILE A 240 9.62 -32.40 -20.53
CA ILE A 240 10.26 -31.61 -19.45
C ILE A 240 9.55 -30.27 -19.25
N TRP A 241 9.24 -29.57 -20.34
CA TRP A 241 8.50 -28.30 -20.22
C TRP A 241 7.17 -28.51 -19.49
N THR A 242 6.48 -29.60 -19.79
CA THR A 242 5.22 -29.93 -19.14
C THR A 242 5.35 -30.12 -17.62
N LEU A 243 6.34 -30.89 -17.16
CA LEU A 243 6.59 -31.01 -15.73
C LEU A 243 6.92 -29.63 -15.14
N PHE A 244 7.83 -28.93 -15.82
CA PHE A 244 8.31 -27.63 -15.36
C PHE A 244 7.14 -26.66 -15.17
N GLN A 245 6.33 -26.51 -16.22
CA GLN A 245 5.19 -25.59 -16.21
C GLN A 245 4.15 -25.95 -15.14
N HIS A 246 3.80 -27.23 -15.02
CA HIS A 246 2.84 -27.64 -14.00
C HIS A 246 3.35 -27.39 -12.57
N THR A 247 4.65 -27.58 -12.38
CA THR A 247 5.29 -27.36 -11.09
C THR A 247 5.20 -25.88 -10.71
N LEU A 248 5.45 -25.00 -11.67
CA LEU A 248 5.39 -23.55 -11.43
C LEU A 248 3.95 -23.11 -11.13
N GLN A 249 3.00 -23.71 -11.84
CA GLN A 249 1.59 -23.36 -11.69
C GLN A 249 0.97 -23.90 -10.41
N ASN A 250 1.21 -25.19 -10.12
CA ASN A 250 0.47 -25.92 -9.11
C ASN A 250 1.26 -26.27 -7.86
N GLU A 251 2.58 -26.23 -7.96
CA GLU A 251 3.48 -26.57 -6.86
C GLU A 251 4.41 -25.41 -6.59
N TYR A 252 3.84 -24.19 -6.65
CA TYR A 252 4.62 -22.94 -6.50
C TYR A 252 5.36 -22.80 -5.19
N GLU A 253 4.94 -23.53 -4.15
CA GLU A 253 5.65 -23.47 -2.86
C GLU A 253 7.11 -23.99 -2.99
N LEU A 254 7.34 -24.89 -3.94
CA LEU A 254 8.72 -25.32 -4.27
C LEU A 254 9.63 -24.17 -4.71
N MET A 255 9.06 -23.10 -5.27
CA MET A 255 9.82 -21.91 -5.67
C MET A 255 10.15 -20.95 -4.51
N ARG A 256 9.45 -21.10 -3.38
CA ARG A 256 9.64 -20.18 -2.26
C ARG A 256 11.09 -20.21 -1.75
N ASP A 257 11.75 -19.04 -1.78
CA ASP A 257 13.18 -18.90 -1.39
C ASP A 257 14.13 -19.73 -2.26
N ARG A 258 13.64 -20.09 -3.45
CA ARG A 258 14.44 -20.85 -4.43
C ARG A 258 14.49 -20.13 -5.77
N HIS A 259 15.01 -20.82 -6.78
CA HIS A 259 15.38 -20.19 -8.04
C HIS A 259 14.75 -20.95 -9.20
N LEU A 260 14.22 -20.21 -10.16
CA LEU A 260 13.61 -20.78 -11.35
C LEU A 260 14.45 -21.89 -11.98
N ASP A 261 15.77 -21.66 -12.06
CA ASP A 261 16.67 -22.59 -12.75
C ASP A 261 16.88 -23.90 -11.98
N GLN A 262 16.66 -23.86 -10.67
CA GLN A 262 16.74 -25.06 -9.86
C GLN A 262 15.59 -25.99 -10.20
N ILE A 263 14.39 -25.41 -10.33
CA ILE A 263 13.21 -26.17 -10.72
C ILE A 263 13.40 -26.69 -12.14
N MET A 264 13.98 -25.85 -12.99
CA MET A 264 14.31 -26.22 -14.36
C MET A 264 15.18 -27.48 -14.43
N MET A 265 16.31 -27.46 -13.72
CA MET A 265 17.26 -28.59 -13.75
C MET A 265 16.71 -29.87 -13.11
N CYS A 266 15.90 -29.70 -12.07
CA CYS A 266 15.27 -30.85 -11.42
C CYS A 266 14.21 -31.49 -12.33
N SER A 267 13.46 -30.64 -13.05
CA SER A 267 12.48 -31.09 -14.04
C SER A 267 13.16 -31.88 -15.18
N MET A 268 14.27 -31.36 -15.67
CA MET A 268 15.08 -32.04 -16.68
C MET A 268 15.56 -33.39 -16.18
N TYR A 269 16.10 -33.41 -14.96
CA TYR A 269 16.60 -34.66 -14.38
C TYR A 269 15.49 -35.69 -14.19
N GLY A 270 14.37 -35.26 -13.63
CA GLY A 270 13.25 -36.14 -13.29
C GLY A 270 12.67 -36.85 -14.50
N ILE A 271 12.38 -36.08 -15.55
CA ILE A 271 11.77 -36.65 -16.76
C ILE A 271 12.71 -37.65 -17.45
N CYS A 272 13.96 -37.24 -17.66
CA CYS A 272 14.96 -38.15 -18.24
C CYS A 272 15.08 -39.45 -17.44
N LYS A 273 15.05 -39.32 -16.10
CA LYS A 273 15.05 -40.48 -15.21
C LYS A 273 13.91 -41.46 -15.46
N VAL A 274 12.67 -40.97 -15.57
CA VAL A 274 11.54 -41.86 -15.89
C VAL A 274 11.49 -42.30 -17.34
N LYS A 275 12.19 -41.58 -18.21
CA LYS A 275 12.25 -41.93 -19.63
C LYS A 275 13.43 -42.88 -19.94
N ASN A 276 14.07 -43.37 -18.88
CA ASN A 276 15.20 -44.29 -18.97
C ASN A 276 16.38 -43.73 -19.79
N ILE A 277 16.67 -42.44 -19.55
CA ILE A 277 17.75 -41.73 -20.24
C ILE A 277 18.80 -41.24 -19.25
N ASP A 278 20.04 -41.69 -19.46
CA ASP A 278 21.15 -41.42 -18.54
C ASP A 278 21.60 -39.96 -18.64
N LEU A 279 21.27 -39.18 -17.61
CA LEU A 279 21.69 -37.80 -17.51
C LEU A 279 21.86 -37.39 -16.04
N LYS A 280 23.06 -37.61 -15.50
CA LYS A 280 23.32 -37.22 -14.11
C LYS A 280 23.39 -35.70 -13.96
N PHE A 281 23.16 -35.24 -12.72
CA PHE A 281 23.19 -33.82 -12.42
C PHE A 281 24.50 -33.16 -12.80
N LYS A 282 25.62 -33.88 -12.64
CA LYS A 282 26.93 -33.31 -12.97
C LYS A 282 26.95 -32.75 -14.39
N ILE A 283 26.33 -33.47 -15.32
CA ILE A 283 26.25 -33.08 -16.73
C ILE A 283 25.35 -31.86 -16.95
N ILE A 284 24.15 -31.89 -16.36
CA ILE A 284 23.23 -30.77 -16.42
C ILE A 284 23.91 -29.52 -15.88
N VAL A 285 24.48 -29.65 -14.69
CA VAL A 285 25.12 -28.56 -13.97
C VAL A 285 26.30 -27.95 -14.74
N THR A 286 27.10 -28.80 -15.39
CA THR A 286 28.23 -28.35 -16.17
C THR A 286 27.79 -27.52 -17.40
N ALA A 287 26.72 -27.96 -18.05
CA ALA A 287 26.11 -27.20 -19.15
C ALA A 287 25.40 -25.95 -18.64
N TYR A 288 24.80 -26.07 -17.46
CA TYR A 288 24.09 -24.92 -16.88
C TYR A 288 25.02 -23.71 -16.70
N LYS A 289 26.22 -23.94 -16.18
CA LYS A 289 27.13 -22.83 -15.87
C LYS A 289 27.57 -22.06 -17.14
N ASP A 290 27.20 -22.58 -18.31
CA ASP A 290 27.43 -21.89 -19.59
C ASP A 290 26.31 -20.91 -19.97
N LEU A 291 25.14 -21.04 -19.34
CA LEU A 291 24.04 -20.11 -19.61
C LEU A 291 24.50 -18.66 -19.33
N PRO A 292 24.03 -17.70 -20.16
CA PRO A 292 24.54 -16.32 -20.14
C PRO A 292 24.88 -15.74 -18.76
N HIS A 293 23.98 -15.84 -17.78
CA HIS A 293 24.24 -15.21 -16.46
C HIS A 293 24.32 -16.18 -15.30
N ALA A 294 24.52 -17.47 -15.61
CA ALA A 294 24.51 -18.55 -14.63
C ALA A 294 25.66 -18.45 -13.63
N VAL A 295 25.34 -18.64 -12.36
CA VAL A 295 26.31 -18.68 -11.28
C VAL A 295 26.27 -20.08 -10.64
N GLN A 296 27.42 -20.55 -10.15
CA GLN A 296 27.51 -21.89 -9.56
C GLN A 296 26.72 -22.05 -8.26
N GLU A 297 26.54 -20.96 -7.51
CA GLU A 297 25.84 -20.99 -6.24
C GLU A 297 24.41 -21.49 -6.40
N THR A 298 23.88 -21.37 -7.62
CA THR A 298 22.49 -21.71 -7.93
C THR A 298 22.26 -23.22 -7.84
N PHE A 299 23.32 -24.01 -8.07
CA PHE A 299 23.21 -25.45 -7.86
C PHE A 299 24.01 -25.97 -6.68
N LYS A 300 24.94 -25.15 -6.16
CA LYS A 300 25.74 -25.55 -5.01
C LYS A 300 25.03 -25.24 -3.68
N ARG A 301 24.23 -24.19 -3.67
CA ARG A 301 23.55 -23.75 -2.46
C ARG A 301 22.04 -23.58 -2.68
N VAL A 302 21.28 -24.61 -2.32
CA VAL A 302 19.83 -24.66 -2.54
C VAL A 302 19.15 -24.93 -1.21
N LEU A 303 18.09 -24.19 -0.91
CA LEU A 303 17.33 -24.39 0.33
C LEU A 303 16.72 -25.79 0.38
N ILE A 304 16.98 -26.49 1.49
CA ILE A 304 16.28 -27.75 1.76
C ILE A 304 15.07 -27.53 2.69
N LYS A 305 15.30 -27.30 3.98
CA LYS A 305 14.19 -27.31 4.93
C LYS A 305 13.93 -26.02 5.70
N GLU A 306 14.88 -25.60 6.51
CA GLU A 306 14.64 -24.46 7.38
C GLU A 306 15.63 -23.37 7.05
N GLU A 307 16.79 -23.43 7.69
CA GLU A 307 17.88 -22.53 7.39
C GLU A 307 18.99 -23.34 6.72
N GLU A 308 18.64 -24.56 6.29
CA GLU A 308 19.61 -25.54 5.80
C GLU A 308 19.74 -25.54 4.27
N TYR A 309 20.96 -25.28 3.81
CA TYR A 309 21.26 -25.23 2.39
C TYR A 309 22.25 -26.33 2.04
N ASP A 310 22.13 -26.84 0.81
CA ASP A 310 22.98 -27.94 0.32
C ASP A 310 22.86 -27.93 -1.20
N SER A 311 23.50 -28.91 -1.86
CA SER A 311 23.53 -28.96 -3.33
C SER A 311 22.14 -29.20 -3.94
N ILE A 312 22.00 -28.94 -5.23
CA ILE A 312 20.75 -29.17 -5.98
C ILE A 312 20.33 -30.65 -5.94
N ILE A 313 21.30 -31.55 -5.77
CA ILE A 313 21.01 -32.98 -5.72
C ILE A 313 20.28 -33.33 -4.42
N VAL A 314 20.73 -32.76 -3.30
CA VAL A 314 20.08 -32.98 -2.02
C VAL A 314 18.65 -32.42 -2.08
N PHE A 315 18.48 -31.23 -2.66
CA PHE A 315 17.14 -30.66 -2.89
C PHE A 315 16.26 -31.58 -3.74
N TYR A 316 16.84 -32.09 -4.85
CA TYR A 316 16.11 -33.03 -5.72
C TYR A 316 15.69 -34.30 -4.98
N ASN A 317 16.63 -34.93 -4.30
CA ASN A 317 16.37 -36.19 -3.62
C ASN A 317 15.42 -36.08 -2.43
N SER A 318 15.44 -34.94 -1.74
CA SER A 318 14.70 -34.83 -0.48
C SER A 318 13.43 -33.98 -0.52
N VAL A 319 13.42 -32.94 -1.34
CA VAL A 319 12.27 -32.02 -1.38
C VAL A 319 11.49 -32.16 -2.69
N PHE A 320 12.17 -31.98 -3.81
CA PHE A 320 11.56 -32.02 -5.13
C PHE A 320 10.86 -33.35 -5.41
N MET A 321 11.59 -34.46 -5.26
CA MET A 321 10.96 -35.77 -5.45
C MET A 321 9.94 -36.10 -4.37
N GLN A 322 10.20 -35.70 -3.11
CA GLN A 322 9.21 -35.82 -2.04
C GLN A 322 7.84 -35.35 -2.53
N ARG A 323 7.80 -34.16 -3.11
CA ARG A 323 6.56 -33.52 -3.52
C ARG A 323 6.02 -34.04 -4.85
N LEU A 324 6.94 -34.42 -5.75
CA LEU A 324 6.56 -34.66 -7.15
C LEU A 324 6.79 -36.08 -7.66
N LYS A 325 7.23 -36.99 -6.79
CA LYS A 325 7.57 -38.35 -7.24
C LYS A 325 6.43 -38.98 -8.05
N THR A 326 5.22 -38.92 -7.49
CA THR A 326 4.06 -39.53 -8.12
C THR A 326 3.64 -38.79 -9.38
N ASN A 327 3.85 -37.48 -9.40
CA ASN A 327 3.60 -36.68 -10.60
C ASN A 327 4.54 -37.05 -11.75
N ILE A 328 5.81 -37.27 -11.42
CA ILE A 328 6.84 -37.66 -12.40
C ILE A 328 6.56 -39.06 -12.96
N LEU A 329 6.15 -39.99 -12.10
CA LEU A 329 5.81 -41.37 -12.52
C LEU A 329 4.65 -41.44 -13.53
N GLN A 330 3.74 -40.46 -13.47
CA GLN A 330 2.65 -40.35 -14.44
C GLN A 330 3.15 -40.21 -15.88
N TYR A 331 4.29 -39.56 -16.06
CA TYR A 331 4.87 -39.33 -17.39
C TYR A 331 5.33 -40.62 -18.09
N ALA A 332 5.61 -41.67 -17.31
CA ALA A 332 6.02 -42.97 -17.86
C ALA A 332 4.87 -43.99 -17.86
N SER A 333 3.74 -43.61 -17.25
CA SER A 333 2.57 -44.48 -17.21
C SER A 333 1.89 -44.54 -18.57
N THR A 334 0.89 -45.42 -18.67
CA THR A 334 0.10 -45.58 -19.90
C THR A 334 -0.74 -44.34 -20.26
N ARG A 335 -1.01 -43.50 -19.27
CA ARG A 335 -1.72 -42.24 -19.48
C ARG A 335 -0.92 -41.02 -19.01
N PRO A 336 0.09 -40.61 -19.82
CA PRO A 336 0.87 -39.41 -19.49
C PRO A 336 0.00 -38.15 -19.50
N PRO A 337 0.32 -37.19 -18.61
CA PRO A 337 -0.46 -35.94 -18.55
C PRO A 337 -0.43 -35.18 -19.87
N THR A 338 -1.53 -34.50 -20.18
CA THR A 338 -1.66 -33.64 -21.35
C THR A 338 -0.55 -32.56 -21.36
N LEU A 339 0.21 -32.52 -22.45
CA LEU A 339 1.40 -31.66 -22.57
C LEU A 339 1.08 -30.17 -22.58
N SER A 340 1.88 -29.39 -21.87
CA SER A 340 1.69 -27.95 -21.73
C SER A 340 2.05 -27.21 -23.02
N PRO A 341 1.21 -26.24 -23.43
CA PRO A 341 1.55 -25.46 -24.62
C PRO A 341 2.89 -24.74 -24.46
N ILE A 342 3.63 -24.62 -25.56
CA ILE A 342 4.87 -23.84 -25.59
C ILE A 342 4.50 -22.35 -25.55
N PRO A 343 5.15 -21.57 -24.65
CA PRO A 343 4.96 -20.12 -24.70
C PRO A 343 5.50 -19.57 -26.01
N HIS A 344 4.71 -18.74 -26.69
CA HIS A 344 5.17 -18.17 -27.96
C HIS A 344 6.02 -16.92 -27.70
N ILE A 345 7.06 -16.76 -28.52
CA ILE A 345 8.05 -15.69 -28.37
C ILE A 345 8.84 -15.86 -27.08
N PRO B 1 3.86 -2.44 -23.98
CA PRO B 1 3.67 -3.04 -22.66
C PRO B 1 2.19 -3.11 -22.32
N PRO B 2 1.82 -3.86 -21.27
CA PRO B 2 0.42 -3.92 -20.82
C PRO B 2 0.03 -2.54 -20.29
N THR B 3 -1.26 -2.28 -20.11
CA THR B 3 -1.67 -1.03 -19.49
C THR B 3 -1.32 -1.01 -18.00
N LEU B 4 -1.23 0.18 -17.44
CA LEU B 4 -1.04 0.32 -16.00
C LEU B 4 -2.26 -0.25 -15.30
N HIS B 5 -3.45 -0.07 -15.87
CA HIS B 5 -4.66 -0.68 -15.30
C HIS B 5 -4.52 -2.21 -15.14
N GLU B 6 -3.96 -2.87 -16.14
CA GLU B 6 -3.72 -4.33 -16.04
C GLU B 6 -2.68 -4.67 -14.99
N LEU B 7 -1.61 -3.88 -14.93
CA LEU B 7 -0.48 -4.17 -14.06
C LEU B 7 -0.88 -4.00 -12.60
N TYR B 8 -1.90 -3.17 -12.35
CA TYR B 8 -2.32 -2.88 -10.97
C TYR B 8 -3.72 -3.40 -10.64
N ASP B 9 -4.21 -4.33 -11.46
CA ASP B 9 -5.53 -4.94 -11.25
C ASP B 9 -6.63 -3.87 -11.06
N LEU B 10 -6.62 -2.87 -11.93
CA LEU B 10 -7.56 -1.74 -11.89
C LEU B 10 -8.61 -1.83 -13.01
N ASN C 1 -5.95 4.86 35.93
CA ASN C 1 -4.69 4.86 35.12
C ASN C 1 -4.08 6.25 35.13
N THR C 2 -2.75 6.32 35.24
CA THR C 2 -2.03 7.61 35.25
C THR C 2 -1.02 7.70 34.11
N ILE C 3 -0.62 8.92 33.78
CA ILE C 3 0.45 9.16 32.79
C ILE C 3 1.71 8.37 33.16
N GLN C 4 2.12 8.52 34.42
CA GLN C 4 3.33 7.85 34.88
C GLN C 4 3.30 6.33 34.72
N GLN C 5 2.17 5.71 35.04
CA GLN C 5 2.03 4.26 34.90
C GLN C 5 2.28 3.78 33.46
N LEU C 6 1.69 4.47 32.49
CA LEU C 6 1.83 4.14 31.07
C LEU C 6 3.30 4.36 30.67
N MET C 7 3.87 5.49 31.08
CA MET C 7 5.22 5.82 30.65
C MET C 7 6.24 4.88 31.28
N MET C 8 5.97 4.40 32.50
CA MET C 8 6.84 3.38 33.09
C MET C 8 6.81 2.09 32.26
N ILE C 9 5.61 1.67 31.88
CA ILE C 9 5.44 0.49 31.04
C ILE C 9 6.29 0.61 29.77
N LEU C 10 6.18 1.75 29.09
CA LEU C 10 6.88 1.98 27.83
C LEU C 10 8.39 2.07 28.02
N ASN C 11 8.84 2.69 29.10
CA ASN C 11 10.27 2.76 29.36
C ASN C 11 10.90 1.39 29.65
N SER C 12 10.09 0.44 30.10
CA SER C 12 10.58 -0.91 30.39
C SER C 12 10.44 -1.87 29.22
N ALA C 13 9.71 -1.43 28.20
CA ALA C 13 9.36 -2.25 27.05
C ALA C 13 10.55 -2.41 26.09
N SER C 14 10.51 -3.49 25.31
CA SER C 14 11.52 -3.77 24.31
C SER C 14 11.31 -2.96 23.05
N ASP C 15 12.43 -2.60 22.44
CA ASP C 15 12.47 -1.90 21.16
C ASP C 15 12.16 -2.80 19.98
N GLN C 16 12.21 -4.11 20.21
CA GLN C 16 12.03 -5.10 19.15
C GLN C 16 10.72 -5.88 19.33
N PRO C 17 10.19 -6.49 18.25
CA PRO C 17 9.01 -7.32 18.43
C PRO C 17 9.28 -8.48 19.39
N SER C 18 8.26 -8.88 20.16
CA SER C 18 8.39 -10.01 21.06
C SER C 18 8.43 -11.32 20.27
N GLU C 19 8.83 -12.40 20.93
CA GLU C 19 8.73 -13.74 20.33
C GLU C 19 7.33 -14.04 19.80
N ASN C 20 6.30 -13.63 20.54
CA ASN C 20 4.90 -13.83 20.14
C ASN C 20 4.62 -13.12 18.83
N LEU C 21 5.09 -11.88 18.74
CA LEU C 21 4.87 -11.10 17.53
C LEU C 21 5.57 -11.73 16.35
N ILE C 22 6.84 -12.12 16.56
CA ILE C 22 7.62 -12.79 15.52
C ILE C 22 6.93 -14.08 15.05
N SER C 23 6.29 -14.81 15.96
CA SER C 23 5.53 -16.01 15.58
C SER C 23 4.39 -15.66 14.64
N TYR C 24 3.66 -14.59 14.94
CA TYR C 24 2.60 -14.11 14.05
C TYR C 24 3.18 -13.80 12.68
N PHE C 25 4.33 -13.12 12.65
CA PHE C 25 4.96 -12.76 11.38
C PHE C 25 5.31 -14.02 10.60
N ASN C 26 5.92 -14.99 11.26
CA ASN C 26 6.39 -16.20 10.60
C ASN C 26 5.27 -17.10 10.08
N ASN C 27 4.08 -16.93 10.64
CA ASN C 27 2.90 -17.69 10.22
C ASN C 27 2.16 -17.08 9.01
N CYS C 28 2.62 -15.93 8.53
CA CYS C 28 1.98 -15.27 7.40
C CYS C 28 2.43 -15.90 6.06
N THR C 29 1.51 -15.99 5.12
CA THR C 29 1.87 -16.45 3.77
C THR C 29 3.02 -15.60 3.18
N VAL C 30 2.97 -14.30 3.41
CA VAL C 30 4.07 -13.41 3.00
C VAL C 30 4.66 -12.87 4.29
N ASN C 31 5.94 -13.14 4.52
CA ASN C 31 6.55 -12.78 5.79
C ASN C 31 6.79 -11.27 5.88
N PRO C 32 6.12 -10.59 6.84
CA PRO C 32 6.20 -9.14 6.93
C PRO C 32 7.33 -8.61 7.83
N LYS C 33 8.13 -9.50 8.44
CA LYS C 33 9.07 -9.09 9.49
C LYS C 33 10.04 -8.01 9.01
N GLU C 34 10.72 -8.26 7.88
CA GLU C 34 11.75 -7.29 7.42
C GLU C 34 11.14 -5.93 7.05
N SER C 35 9.99 -5.94 6.35
CA SER C 35 9.24 -4.72 6.09
C SER C 35 8.94 -3.94 7.36
N ILE C 36 8.46 -4.65 8.38
CA ILE C 36 8.05 -4.01 9.62
C ILE C 36 9.26 -3.35 10.32
N LEU C 37 10.37 -4.09 10.42
CA LEU C 37 11.59 -3.55 11.08
C LEU C 37 12.17 -2.39 10.32
N LYS C 38 12.16 -2.51 8.99
CA LYS C 38 12.76 -1.45 8.17
C LYS C 38 11.90 -0.21 8.20
N ARG C 39 10.57 -0.39 8.17
CA ARG C 39 9.63 0.74 8.21
C ARG C 39 9.84 1.55 9.52
N VAL C 40 9.95 0.85 10.65
CA VAL C 40 10.24 1.50 11.94
C VAL C 40 11.53 2.31 11.88
N LYS C 41 12.57 1.73 11.29
CA LYS C 41 13.87 2.45 11.22
C LYS C 41 13.74 3.67 10.32
N ASP C 42 13.15 3.47 9.13
CA ASP C 42 13.05 4.55 8.15
C ASP C 42 12.21 5.72 8.67
N ILE C 43 11.06 5.41 9.26
CA ILE C 43 10.21 6.48 9.74
C ILE C 43 10.91 7.22 10.90
N GLY C 44 11.75 6.51 11.67
CA GLY C 44 12.60 7.16 12.68
C GLY C 44 13.43 8.31 12.11
N TYR C 45 14.02 8.12 10.93
CA TYR C 45 14.76 9.18 10.20
C TYR C 45 13.90 10.41 10.02
N ILE C 46 12.71 10.18 9.48
CA ILE C 46 11.81 11.25 9.08
C ILE C 46 11.31 11.95 10.34
N PHE C 47 10.92 11.14 11.32
CA PHE C 47 10.32 11.70 12.53
C PHE C 47 11.33 12.57 13.25
N LYS C 48 12.54 12.09 13.42
CA LYS C 48 13.43 12.83 14.32
C LYS C 48 13.84 14.16 13.66
N GLU C 49 13.87 14.18 12.33
CA GLU C 49 14.23 15.42 11.63
C GLU C 49 13.09 16.44 11.63
N LYS C 50 11.86 15.96 11.48
CA LYS C 50 10.72 16.86 11.53
C LYS C 50 10.43 17.35 12.97
N PHE C 51 10.71 16.49 13.94
CA PHE C 51 10.59 16.88 15.34
C PHE C 51 11.58 18.00 15.62
N ALA C 52 12.82 17.85 15.18
CA ALA C 52 13.83 18.92 15.41
C ALA C 52 13.45 20.22 14.68
N LYS C 53 12.92 20.10 13.47
CA LYS C 53 12.42 21.28 12.75
C LYS C 53 11.33 22.03 13.53
N ALA C 54 10.44 21.29 14.17
CA ALA C 54 9.31 21.84 14.91
C ALA C 54 9.71 22.43 16.26
N VAL C 55 10.67 21.82 16.95
CA VAL C 55 10.95 22.16 18.36
C VAL C 55 12.30 22.85 18.56
N GLY C 56 13.23 22.66 17.63
CA GLY C 56 14.56 23.26 17.75
C GLY C 56 15.67 22.25 17.48
N GLN C 57 16.78 22.72 16.90
CA GLN C 57 17.83 21.82 16.39
C GLN C 57 18.50 20.99 17.48
N GLY C 58 18.58 21.56 18.68
CA GLY C 58 19.12 20.88 19.86
C GLY C 58 18.27 19.73 20.39
N CYS C 59 17.05 19.59 19.86
CA CYS C 59 16.11 18.57 20.37
C CYS C 59 16.06 17.26 19.59
N VAL C 60 17.03 17.00 18.69
CA VAL C 60 17.03 15.75 17.89
C VAL C 60 17.03 14.47 18.74
N GLU C 61 17.87 14.45 19.78
CA GLU C 61 17.98 13.26 20.65
C GLU C 61 16.72 13.05 21.46
N ILE C 62 16.13 14.14 21.93
CA ILE C 62 14.84 14.06 22.64
C ILE C 62 13.78 13.51 21.70
N GLY C 63 13.74 14.02 20.46
CA GLY C 63 12.82 13.48 19.46
C GLY C 63 13.04 12.00 19.23
N SER C 64 14.31 11.59 19.21
CA SER C 64 14.64 10.18 19.00
C SER C 64 14.08 9.30 20.12
N GLN C 65 14.21 9.76 21.36
CA GLN C 65 13.75 8.97 22.50
C GLN C 65 12.22 8.94 22.53
N ARG C 66 11.57 10.04 22.18
CA ARG C 66 10.12 10.05 22.13
C ARG C 66 9.60 9.11 21.04
N TYR C 67 10.31 9.10 19.90
CA TYR C 67 9.99 8.14 18.84
C TYR C 67 10.10 6.69 19.35
N LYS C 68 11.17 6.36 20.08
CA LYS C 68 11.36 5.02 20.65
C LYS C 68 10.17 4.61 21.54
N LEU C 69 9.70 5.56 22.37
CA LEU C 69 8.55 5.27 23.24
C LEU C 69 7.32 4.96 22.39
N GLY C 70 7.15 5.73 21.32
CA GLY C 70 6.02 5.48 20.41
C GLY C 70 6.12 4.11 19.74
N VAL C 71 7.32 3.73 19.32
CA VAL C 71 7.51 2.41 18.67
C VAL C 71 7.20 1.29 19.67
N ARG C 72 7.63 1.48 20.92
CA ARG C 72 7.33 0.48 21.95
C ARG C 72 5.83 0.31 22.18
N LEU C 73 5.10 1.42 22.19
CA LEU C 73 3.65 1.37 22.34
C LEU C 73 3.03 0.68 21.11
N TYR C 74 3.53 1.05 19.92
CA TYR C 74 3.11 0.44 18.65
C TYR C 74 3.23 -1.09 18.69
N TYR C 75 4.39 -1.61 19.07
CA TYR C 75 4.52 -3.08 19.20
C TYR C 75 3.59 -3.73 20.23
N ARG C 76 3.42 -3.04 21.36
CA ARG C 76 2.53 -3.51 22.43
C ARG C 76 1.12 -3.64 21.89
N VAL C 77 0.64 -2.58 21.24
CA VAL C 77 -0.72 -2.56 20.75
C VAL C 77 -0.88 -3.53 19.60
N MET C 78 0.11 -3.63 18.71
CA MET C 78 0.03 -4.57 17.59
C MET C 78 -0.16 -5.98 18.10
N GLU C 79 0.63 -6.37 19.10
CA GLU C 79 0.53 -7.76 19.62
C GLU C 79 -0.83 -8.00 20.27
N SER C 80 -1.31 -7.01 21.04
CA SER C 80 -2.64 -7.09 21.66
C SER C 80 -3.76 -7.23 20.62
N MET C 81 -3.67 -6.43 19.56
CA MET C 81 -4.66 -6.45 18.49
C MET C 81 -4.68 -7.77 17.76
N LEU C 82 -3.50 -8.30 17.48
CA LEU C 82 -3.41 -9.62 16.82
C LEU C 82 -3.90 -10.78 17.70
N LYS C 83 -3.55 -10.75 18.99
CA LYS C 83 -4.11 -11.73 19.96
C LYS C 83 -5.64 -11.68 19.97
N SER C 84 -6.18 -10.47 19.99
CA SER C 84 -7.64 -10.28 19.95
C SER C 84 -8.28 -10.82 18.65
N GLU C 85 -7.66 -10.50 17.53
CA GLU C 85 -8.17 -10.92 16.23
C GLU C 85 -8.16 -12.44 16.12
N GLU C 86 -7.07 -13.05 16.56
CA GLU C 86 -6.94 -14.50 16.52
C GLU C 86 -8.00 -15.14 17.41
N GLU C 87 -8.18 -14.60 18.61
CA GLU C 87 -9.17 -15.15 19.54
C GLU C 87 -10.55 -15.06 18.93
N ARG C 88 -10.92 -13.89 18.41
CA ARG C 88 -12.28 -13.68 17.91
C ARG C 88 -12.61 -14.53 16.68
N LEU C 89 -11.63 -14.74 15.80
CA LEU C 89 -11.87 -15.51 14.58
C LEU C 89 -11.43 -16.98 14.66
N SER C 90 -10.70 -17.34 15.72
CA SER C 90 -10.12 -18.68 15.94
C SER C 90 -9.06 -19.11 14.92
N ILE C 91 -8.54 -18.15 14.16
CA ILE C 91 -7.55 -18.47 13.15
C ILE C 91 -6.65 -17.26 12.97
N GLN C 92 -5.41 -17.50 12.56
CA GLN C 92 -4.53 -16.43 12.08
C GLN C 92 -4.63 -16.34 10.56
N ASN C 93 -5.16 -15.21 10.09
CA ASN C 93 -5.20 -14.90 8.68
C ASN C 93 -4.73 -13.45 8.56
N PHE C 94 -3.42 -13.27 8.76
CA PHE C 94 -2.86 -11.97 9.07
C PHE C 94 -1.96 -11.44 7.97
N SER C 95 -1.71 -12.25 6.92
CA SER C 95 -0.73 -11.82 5.89
C SER C 95 -1.12 -10.52 5.18
N LYS C 96 -2.35 -10.44 4.65
CA LYS C 96 -2.75 -9.21 3.94
C LYS C 96 -2.69 -8.00 4.90
N LEU C 97 -3.13 -8.18 6.13
CA LEU C 97 -3.14 -7.09 7.09
C LEU C 97 -1.71 -6.67 7.43
N LEU C 98 -0.90 -7.65 7.80
CA LEU C 98 0.45 -7.33 8.30
C LEU C 98 1.43 -6.84 7.23
N ASN C 99 1.14 -7.12 5.97
CA ASN C 99 1.91 -6.56 4.85
C ASN C 99 1.35 -5.24 4.28
N ASP C 100 0.29 -4.74 4.91
CA ASP C 100 -0.32 -3.43 4.53
C ASP C 100 0.44 -2.26 5.16
N ASN C 101 1.19 -1.54 4.34
CA ASN C 101 1.94 -0.38 4.82
C ASN C 101 1.05 0.63 5.54
N ILE C 102 -0.17 0.79 5.06
CA ILE C 102 -1.09 1.79 5.62
C ILE C 102 -1.59 1.37 7.02
N PHE C 103 -1.83 0.07 7.23
CA PHE C 103 -2.14 -0.41 8.61
C PHE C 103 -1.02 -0.03 9.60
N HIS C 104 0.22 -0.37 9.24
CA HIS C 104 1.36 -0.05 10.10
C HIS C 104 1.53 1.44 10.30
N MET C 105 1.41 2.24 9.24
CA MET C 105 1.62 3.67 9.41
C MET C 105 0.52 4.29 10.28
N SER C 106 -0.71 3.77 10.18
CA SER C 106 -1.83 4.26 11.01
C SER C 106 -1.62 3.89 12.48
N LEU C 107 -1.17 2.65 12.69
CA LEU C 107 -1.00 2.15 14.06
C LEU C 107 0.16 2.91 14.71
N LEU C 108 1.26 3.07 13.96
CA LEU C 108 2.44 3.82 14.43
C LEU C 108 2.06 5.28 14.70
N ALA C 109 1.28 5.89 13.81
CA ALA C 109 0.85 7.28 14.00
C ALA C 109 0.00 7.43 15.25
N CYS C 110 -0.89 6.45 15.51
CA CYS C 110 -1.74 6.54 16.69
C CYS C 110 -0.93 6.42 17.98
N ALA C 111 0.05 5.53 17.97
CA ALA C 111 0.96 5.36 19.11
C ALA C 111 1.73 6.67 19.33
N LEU C 112 2.25 7.21 18.24
CA LEU C 112 2.95 8.50 18.32
C LEU C 112 2.05 9.65 18.77
N GLU C 113 0.80 9.63 18.35
CA GLU C 113 -0.19 10.62 18.83
C GLU C 113 -0.31 10.60 20.37
N VAL C 114 -0.45 9.40 20.94
CA VAL C 114 -0.56 9.29 22.39
C VAL C 114 0.67 9.93 23.04
N VAL C 115 1.85 9.59 22.52
CA VAL C 115 3.10 10.16 23.04
C VAL C 115 3.16 11.70 22.86
N MET C 116 2.93 12.19 21.62
CA MET C 116 2.99 13.62 21.35
C MET C 116 1.98 14.42 22.18
N ALA C 117 0.76 13.90 22.29
CA ALA C 117 -0.28 14.61 23.04
C ALA C 117 0.03 14.66 24.53
N THR C 118 0.62 13.58 25.04
CA THR C 118 1.01 13.55 26.43
C THR C 118 2.10 14.59 26.73
N TYR C 119 3.15 14.64 25.92
CA TYR C 119 4.19 15.68 26.16
C TYR C 119 3.70 17.12 25.90
N SER C 120 2.70 17.26 25.04
CA SER C 120 2.22 18.58 24.60
C SER C 120 1.22 19.18 25.57
N ARG C 121 0.74 18.36 26.50
CA ARG C 121 -0.14 18.83 27.55
C ARG C 121 0.66 19.70 28.52
N SER C 122 1.80 19.15 28.96
CA SER C 122 2.68 19.73 29.97
C SER C 122 3.41 20.98 29.45
N THR C 123 4.55 20.79 28.80
CA THR C 123 5.34 21.89 28.23
C THR C 123 4.72 22.41 26.92
N GLY C 130 5.25 26.26 25.10
CA GLY C 130 5.73 25.15 24.28
C GLY C 130 5.02 24.99 22.94
N THR C 131 5.61 24.16 22.07
CA THR C 131 5.06 23.89 20.75
C THR C 131 4.10 22.70 20.86
N ASP C 132 2.91 22.85 20.26
CA ASP C 132 1.89 21.82 20.34
C ASP C 132 2.03 20.85 19.17
N LEU C 133 2.41 19.62 19.49
CA LEU C 133 2.60 18.59 18.47
C LEU C 133 1.48 17.57 18.45
N SER C 134 0.33 17.94 19.04
CA SER C 134 -0.85 17.09 19.06
C SER C 134 -1.50 17.05 17.68
N PHE C 135 -2.44 16.13 17.53
CA PHE C 135 -3.17 15.91 16.29
C PHE C 135 -3.66 17.24 15.71
N PRO C 136 -3.54 17.43 14.39
CA PRO C 136 -3.09 16.50 13.34
C PRO C 136 -1.61 16.54 12.92
N TRP C 137 -0.74 17.07 13.76
CA TRP C 137 0.68 17.19 13.42
C TRP C 137 1.28 15.90 12.90
N ILE C 138 0.97 14.79 13.58
CA ILE C 138 1.58 13.51 13.20
C ILE C 138 1.17 13.03 11.79
N LEU C 139 -0.01 13.45 11.35
CA LEU C 139 -0.49 13.07 10.00
C LEU C 139 0.41 13.65 8.95
N ASN C 140 0.70 14.94 9.11
CA ASN C 140 1.57 15.63 8.19
C ASN C 140 3.01 15.07 8.25
N VAL C 141 3.50 14.78 9.46
CA VAL C 141 4.84 14.22 9.58
C VAL C 141 4.97 12.92 8.79
N LEU C 142 3.94 12.07 8.86
CA LEU C 142 4.01 10.73 8.30
C LEU C 142 3.40 10.61 6.90
N ASN C 143 2.92 11.73 6.34
CA ASN C 143 2.22 11.69 5.06
C ASN C 143 1.04 10.69 5.11
N LEU C 144 0.29 10.75 6.20
CA LEU C 144 -0.82 9.79 6.45
C LEU C 144 -2.14 10.55 6.37
N LYS C 145 -3.12 9.94 5.70
CA LYS C 145 -4.44 10.59 5.57
C LYS C 145 -5.29 10.29 6.80
N ALA C 146 -6.10 11.27 7.17
CA ALA C 146 -6.99 11.18 8.34
C ALA C 146 -7.86 9.96 8.31
N PHE C 147 -8.43 9.63 7.15
CA PHE C 147 -9.31 8.48 7.07
C PHE C 147 -8.61 7.16 7.45
N ASP C 148 -7.36 7.00 6.99
CA ASP C 148 -6.56 5.83 7.35
C ASP C 148 -6.27 5.80 8.85
N PHE C 149 -5.91 6.94 9.46
CA PHE C 149 -5.65 7.02 10.90
C PHE C 149 -6.89 6.58 11.68
N TYR C 150 -8.04 7.09 11.25
CA TYR C 150 -9.33 6.80 11.87
C TYR C 150 -9.55 5.30 12.12
N LYS C 151 -9.18 4.46 11.14
CA LYS C 151 -9.46 3.03 11.20
C LYS C 151 -8.91 2.33 12.44
N VAL C 152 -7.83 2.84 13.03
CA VAL C 152 -7.21 2.13 14.14
C VAL C 152 -7.64 2.61 15.52
N ILE C 153 -8.34 3.75 15.59
CA ILE C 153 -8.51 4.44 16.89
C ILE C 153 -9.25 3.59 17.89
N GLU C 154 -10.44 3.11 17.52
CA GLU C 154 -11.26 2.36 18.47
C GLU C 154 -10.51 1.09 18.93
N SER C 155 -9.88 0.40 17.97
CA SER C 155 -9.16 -0.84 18.23
C SER C 155 -7.94 -0.58 19.11
N PHE C 156 -7.27 0.54 18.87
CA PHE C 156 -6.12 0.97 19.69
C PHE C 156 -6.51 1.15 21.15
N ILE C 157 -7.60 1.90 21.36
CA ILE C 157 -8.11 2.16 22.71
C ILE C 157 -8.38 0.83 23.43
N LYS C 158 -9.03 -0.10 22.72
CA LYS C 158 -9.35 -1.41 23.31
C LYS C 158 -8.08 -2.18 23.66
N ALA C 159 -7.07 -2.05 22.81
CA ALA C 159 -5.85 -2.84 22.93
C ALA C 159 -4.90 -2.38 24.03
N GLU C 160 -5.04 -1.14 24.50
CA GLU C 160 -4.12 -0.60 25.51
C GLU C 160 -4.87 -0.24 26.78
N GLY C 161 -4.90 -1.17 27.73
CA GLY C 161 -5.67 -0.98 28.95
C GLY C 161 -5.07 0.05 29.90
N ASN C 162 -3.86 0.51 29.60
CA ASN C 162 -3.16 1.49 30.45
C ASN C 162 -3.31 2.95 30.01
N LEU C 163 -4.13 3.21 29.01
CA LEU C 163 -4.43 4.59 28.64
C LEU C 163 -5.24 5.30 29.71
N THR C 164 -4.94 6.57 29.93
CA THR C 164 -5.69 7.37 30.89
C THR C 164 -7.01 7.79 30.27
N ARG C 165 -7.94 8.22 31.12
CA ARG C 165 -9.22 8.70 30.63
C ARG C 165 -8.99 9.88 29.70
N GLU C 166 -8.06 10.74 30.06
CA GLU C 166 -7.70 11.91 29.25
C GLU C 166 -7.18 11.51 27.86
N MET C 167 -6.34 10.48 27.81
CA MET C 167 -5.79 9.97 26.54
C MET C 167 -6.89 9.42 25.65
N ILE C 168 -7.81 8.69 26.26
CA ILE C 168 -8.95 8.10 25.55
C ILE C 168 -9.82 9.21 24.97
N LYS C 169 -10.15 10.21 25.80
CA LYS C 169 -11.00 11.33 25.37
C LYS C 169 -10.36 12.09 24.21
N HIS C 170 -9.04 12.27 24.28
CA HIS C 170 -8.30 12.95 23.21
C HIS C 170 -8.41 12.15 21.90
N LEU C 171 -8.20 10.85 21.95
CA LEU C 171 -8.26 10.05 20.72
C LEU C 171 -9.68 10.04 20.17
N GLU C 172 -10.67 10.01 21.05
CA GLU C 172 -12.06 10.10 20.62
C GLU C 172 -12.37 11.44 19.95
N ARG C 173 -11.78 12.51 20.46
CA ARG C 173 -11.89 13.85 19.84
C ARG C 173 -11.26 13.84 18.43
N CYS C 174 -10.08 13.23 18.32
CA CYS C 174 -9.44 13.05 17.00
C CYS C 174 -10.39 12.33 16.06
N GLU C 175 -10.99 11.25 16.54
CA GLU C 175 -11.90 10.47 15.69
C GLU C 175 -13.04 11.36 15.19
N HIS C 176 -13.60 12.17 16.10
CA HIS C 176 -14.74 13.02 15.74
C HIS C 176 -14.34 14.07 14.73
N ARG C 177 -13.14 14.62 14.89
CA ARG C 177 -12.64 15.60 13.93
C ARG C 177 -12.48 14.96 12.54
N ILE C 178 -12.03 13.71 12.51
CA ILE C 178 -11.88 13.01 11.23
C ILE C 178 -13.23 12.78 10.58
N MET C 179 -14.19 12.34 11.39
CA MET C 179 -15.52 12.02 10.88
C MET C 179 -16.27 13.24 10.38
N GLU C 180 -16.05 14.38 11.03
CA GLU C 180 -16.83 15.60 10.70
C GLU C 180 -16.27 16.37 9.51
N SER C 181 -14.97 16.22 9.21
CA SER C 181 -14.36 17.05 8.16
C SER C 181 -13.09 16.48 7.54
N LEU C 182 -12.13 16.02 8.33
CA LEU C 182 -10.82 15.63 7.74
C LEU C 182 -10.95 14.50 6.73
N ALA C 183 -11.79 13.52 7.05
CA ALA C 183 -12.04 12.40 6.12
C ALA C 183 -12.72 12.82 4.79
N TRP C 184 -13.25 14.04 4.76
CA TRP C 184 -13.98 14.55 3.59
C TRP C 184 -13.19 15.56 2.75
N LEU C 185 -11.93 15.79 3.10
CA LEU C 185 -11.08 16.66 2.30
C LEU C 185 -10.83 15.96 0.95
N SER C 186 -10.51 16.76 -0.07
CA SER C 186 -10.33 16.26 -1.43
C SER C 186 -9.19 15.24 -1.62
N ASP C 187 -8.26 15.17 -0.66
CA ASP C 187 -7.13 14.21 -0.69
C ASP C 187 -7.49 12.91 0.03
N SER C 188 -8.76 12.76 0.40
CA SER C 188 -9.10 11.64 1.28
C SER C 188 -9.46 10.38 0.51
N PRO C 189 -8.85 9.23 0.87
CA PRO C 189 -9.18 7.94 0.24
C PRO C 189 -10.66 7.60 0.32
N LEU C 190 -11.36 8.19 1.29
CA LEU C 190 -12.81 8.01 1.39
C LEU C 190 -13.52 8.09 0.05
N PHE C 191 -13.20 9.09 -0.78
CA PHE C 191 -13.96 9.25 -2.03
C PHE C 191 -13.77 8.13 -3.05
N ASP C 192 -12.59 7.52 -3.05
CA ASP C 192 -12.37 6.35 -3.94
C ASP C 192 -13.11 5.13 -3.39
N LEU C 193 -13.20 5.02 -2.07
CA LEU C 193 -13.97 3.92 -1.44
C LEU C 193 -15.45 4.07 -1.78
N ILE C 194 -15.96 5.30 -1.70
CA ILE C 194 -17.36 5.57 -2.05
C ILE C 194 -17.61 5.23 -3.52
N LYS C 195 -16.77 5.78 -4.41
CA LYS C 195 -16.87 5.54 -5.84
C LYS C 195 -16.87 4.04 -6.16
N GLN C 196 -15.95 3.30 -5.55
CA GLN C 196 -15.84 1.85 -5.77
C GLN C 196 -17.18 1.17 -5.44
N SER C 197 -17.76 1.54 -4.30
CA SER C 197 -19.03 0.99 -3.83
C SER C 197 -20.22 1.42 -4.70
N LYS C 198 -20.24 2.69 -5.10
CA LYS C 198 -21.31 3.24 -5.94
C LYS C 198 -21.30 2.67 -7.36
N ASP C 199 -20.11 2.40 -7.89
CA ASP C 199 -19.96 1.91 -9.26
C ASP C 199 -20.17 0.40 -9.40
N ARG C 200 -20.20 -0.30 -8.28
CA ARG C 200 -20.27 -1.77 -8.30
C ARG C 200 -21.32 -2.30 -7.32
N LYS C 203 -18.10 -3.80 -2.78
CA LYS C 203 -18.64 -3.61 -1.43
C LYS C 203 -17.52 -3.43 -0.42
N SER C 204 -17.82 -2.71 0.66
CA SER C 204 -16.80 -2.38 1.64
C SER C 204 -17.38 -2.39 3.04
N THR C 205 -16.86 -3.31 3.85
CA THR C 205 -17.24 -3.37 5.24
C THR C 205 -16.70 -2.14 5.97
N SER C 206 -15.48 -1.69 5.63
CA SER C 206 -14.93 -0.46 6.25
C SER C 206 -15.78 0.78 5.92
N LEU C 207 -16.25 0.90 4.68
CA LEU C 207 -17.12 2.03 4.31
C LEU C 207 -18.40 2.04 5.14
N SER C 208 -19.03 0.87 5.28
CA SER C 208 -20.26 0.75 6.08
C SER C 208 -20.03 1.13 7.54
N LEU C 209 -18.93 0.61 8.13
CA LEU C 209 -18.56 0.94 9.50
C LEU C 209 -18.39 2.45 9.72
N PHE C 210 -17.69 3.10 8.79
CA PHE C 210 -17.42 4.53 8.90
C PHE C 210 -18.74 5.31 8.83
N TYR C 211 -19.58 4.92 7.89
CA TYR C 211 -20.85 5.65 7.73
C TYR C 211 -21.74 5.49 8.94
N LYS C 212 -21.73 4.32 9.55
CA LYS C 212 -22.61 4.12 10.70
C LYS C 212 -22.15 4.97 11.90
N LYS C 213 -20.84 5.15 12.03
CA LYS C 213 -20.26 6.07 13.02
C LYS C 213 -20.60 7.54 12.74
N VAL C 214 -20.45 7.93 11.47
CA VAL C 214 -20.83 9.28 11.04
C VAL C 214 -22.31 9.54 11.30
N TYR C 215 -23.17 8.59 10.92
CA TYR C 215 -24.61 8.74 11.17
C TYR C 215 -24.98 8.96 12.65
N ARG C 216 -24.29 8.26 13.55
CA ARG C 216 -24.56 8.42 14.98
C ARG C 216 -24.18 9.82 15.44
N LEU C 217 -22.97 10.24 15.09
CA LEU C 217 -22.48 11.57 15.42
C LEU C 217 -23.39 12.66 14.86
N ALA C 218 -23.73 12.53 13.58
CA ALA C 218 -24.61 13.47 12.87
C ALA C 218 -25.96 13.57 13.55
N TYR C 219 -26.54 12.42 13.88
CA TYR C 219 -27.86 12.41 14.49
C TYR C 219 -27.83 13.02 15.88
N LEU C 220 -26.84 12.65 16.69
CA LEU C 220 -26.77 13.17 18.06
C LEU C 220 -26.66 14.69 18.08
N ARG C 221 -25.91 15.25 17.14
CA ARG C 221 -25.78 16.70 17.01
C ARG C 221 -27.07 17.34 16.52
N LEU C 222 -27.72 16.69 15.57
CA LEU C 222 -29.02 17.14 15.02
C LEU C 222 -30.09 17.15 16.11
N ASN C 223 -30.15 16.06 16.86
CA ASN C 223 -31.07 15.91 17.98
C ASN C 223 -30.93 17.04 19.01
N THR C 224 -29.71 17.43 19.34
CA THR C 224 -29.47 18.54 20.26
C THR C 224 -30.10 19.85 19.76
N LEU C 225 -29.78 20.22 18.51
CA LEU C 225 -30.27 21.46 17.93
C LEU C 225 -31.78 21.48 17.79
N CYS C 226 -32.35 20.33 17.43
CA CYS C 226 -33.80 20.18 17.33
C CYS C 226 -34.53 20.31 18.68
N GLU C 227 -33.91 19.80 19.75
CA GLU C 227 -34.49 19.95 21.10
C GLU C 227 -34.60 21.43 21.48
N ARG C 228 -33.55 22.18 21.16
CA ARG C 228 -33.47 23.59 21.51
C ARG C 228 -34.32 24.50 20.62
N LEU C 229 -34.43 24.16 19.34
CA LEU C 229 -35.02 25.07 18.35
C LEU C 229 -36.42 24.72 17.88
N LEU C 230 -36.75 23.43 17.89
CA LEU C 230 -37.96 22.95 17.21
C LEU C 230 -38.81 22.08 18.11
N SER C 231 -38.77 22.39 19.41
CA SER C 231 -39.48 21.61 20.41
C SER C 231 -41.00 21.71 20.25
N GLU C 232 -41.48 22.83 19.72
CA GLU C 232 -42.93 22.98 19.42
C GLU C 232 -43.30 22.51 18.01
N HIS C 233 -42.35 21.87 17.33
CA HIS C 233 -42.62 21.14 16.10
C HIS C 233 -41.82 19.84 16.14
N PRO C 234 -42.27 18.87 16.98
CA PRO C 234 -41.47 17.66 17.26
C PRO C 234 -41.32 16.71 16.08
N GLU C 235 -42.23 16.78 15.12
CA GLU C 235 -42.21 15.90 13.93
C GLU C 235 -41.07 16.21 12.94
N LEU C 236 -40.48 17.39 13.07
CA LEU C 236 -39.49 17.87 12.10
C LEU C 236 -38.15 17.17 12.17
N GLU C 237 -37.76 16.75 13.38
CA GLU C 237 -36.44 16.14 13.57
C GLU C 237 -36.21 14.92 12.67
N HIS C 238 -37.19 14.04 12.62
CA HIS C 238 -37.10 12.81 11.83
C HIS C 238 -37.03 13.13 10.35
N ILE C 239 -37.81 14.12 9.91
CA ILE C 239 -37.81 14.57 8.52
C ILE C 239 -36.47 15.19 8.13
N ILE C 240 -35.99 16.12 8.95
CA ILE C 240 -34.66 16.70 8.72
C ILE C 240 -33.58 15.61 8.73
N TRP C 241 -33.71 14.62 9.63
CA TRP C 241 -32.72 13.53 9.64
C TRP C 241 -32.72 12.79 8.30
N THR C 242 -33.93 12.52 7.78
CA THR C 242 -34.08 11.84 6.49
C THR C 242 -33.34 12.55 5.35
N LEU C 243 -33.51 13.86 5.24
CA LEU C 243 -32.77 14.68 4.26
C LEU C 243 -31.27 14.61 4.53
N PHE C 244 -30.90 14.83 5.79
CA PHE C 244 -29.50 14.83 6.22
C PHE C 244 -28.84 13.50 5.83
N GLN C 245 -29.49 12.39 6.20
CA GLN C 245 -28.98 11.05 5.92
C GLN C 245 -28.86 10.77 4.42
N HIS C 246 -29.91 11.10 3.67
CA HIS C 246 -29.89 10.86 2.23
C HIS C 246 -28.84 11.71 1.51
N THR C 247 -28.60 12.91 2.02
CA THR C 247 -27.57 13.78 1.47
C THR C 247 -26.17 13.18 1.68
N LEU C 248 -25.90 12.74 2.90
CA LEU C 248 -24.63 12.07 3.19
C LEU C 248 -24.40 10.83 2.33
N GLN C 249 -25.47 10.05 2.12
CA GLN C 249 -25.38 8.79 1.39
C GLN C 249 -25.30 8.99 -0.13
N ASN C 250 -26.14 9.87 -0.66
CA ASN C 250 -26.32 9.98 -2.10
C ASN C 250 -25.79 11.26 -2.75
N GLU C 251 -25.56 12.29 -1.94
CA GLU C 251 -25.01 13.55 -2.44
C GLU C 251 -23.71 13.88 -1.71
N TYR C 252 -22.88 12.85 -1.53
CA TYR C 252 -21.65 12.96 -0.75
C TYR C 252 -20.66 14.00 -1.24
N GLU C 253 -20.73 14.36 -2.53
CA GLU C 253 -19.86 15.41 -3.06
C GLU C 253 -20.09 16.78 -2.39
N LEU C 254 -21.28 17.02 -1.85
CA LEU C 254 -21.53 18.20 -1.02
C LEU C 254 -20.62 18.26 0.21
N MET C 255 -20.14 17.11 0.68
CA MET C 255 -19.23 17.05 1.84
C MET C 255 -17.76 17.34 1.50
N ARG C 256 -17.42 17.31 0.21
CA ARG C 256 -16.03 17.43 -0.21
C ARG C 256 -15.45 18.81 0.20
N ASP C 257 -14.40 18.78 1.04
CA ASP C 257 -13.79 19.99 1.63
C ASP C 257 -14.77 20.85 2.46
N ARG C 258 -15.80 20.20 2.98
CA ARG C 258 -16.81 20.86 3.84
C ARG C 258 -16.97 20.06 5.14
N HIS C 259 -17.95 20.46 5.95
CA HIS C 259 -18.05 20.02 7.34
C HIS C 259 -19.44 19.43 7.56
N LEU C 260 -19.46 18.28 8.23
CA LEU C 260 -20.72 17.59 8.57
C LEU C 260 -21.79 18.56 9.10
N ASP C 261 -21.36 19.49 9.95
CA ASP C 261 -22.30 20.41 10.59
C ASP C 261 -22.93 21.44 9.63
N GLN C 262 -22.22 21.74 8.53
CA GLN C 262 -22.79 22.66 7.53
C GLN C 262 -23.96 21.96 6.82
N ILE C 263 -23.77 20.70 6.49
CA ILE C 263 -24.84 19.90 5.89
C ILE C 263 -26.00 19.75 6.88
N MET C 264 -25.66 19.55 8.15
CA MET C 264 -26.66 19.48 9.21
C MET C 264 -27.53 20.73 9.26
N MET C 265 -26.89 21.89 9.41
CA MET C 265 -27.63 23.17 9.51
C MET C 265 -28.44 23.50 8.25
N CYS C 266 -27.88 23.19 7.08
CA CYS C 266 -28.61 23.42 5.82
C CYS C 266 -29.82 22.51 5.66
N SER C 267 -29.71 21.28 6.15
CA SER C 267 -30.84 20.34 6.15
C SER C 267 -31.97 20.89 7.02
N MET C 268 -31.62 21.30 8.24
CA MET C 268 -32.60 21.96 9.14
C MET C 268 -33.29 23.13 8.48
N TYR C 269 -32.49 24.03 7.94
CA TYR C 269 -32.96 25.27 7.32
C TYR C 269 -33.87 25.01 6.10
N GLY C 270 -33.46 24.07 5.24
CA GLY C 270 -34.20 23.69 4.04
C GLY C 270 -35.56 23.05 4.32
N ILE C 271 -35.59 22.06 5.22
CA ILE C 271 -36.86 21.42 5.58
C ILE C 271 -37.84 22.43 6.19
N CYS C 272 -37.34 23.29 7.07
CA CYS C 272 -38.19 24.34 7.66
C CYS C 272 -38.80 25.27 6.61
N LYS C 273 -38.01 25.59 5.58
CA LYS C 273 -38.50 26.41 4.47
C LYS C 273 -39.63 25.71 3.72
N VAL C 274 -39.47 24.43 3.42
CA VAL C 274 -40.47 23.68 2.66
C VAL C 274 -41.69 23.30 3.50
N LYS C 275 -41.52 23.23 4.82
CA LYS C 275 -42.61 22.91 5.73
C LYS C 275 -43.27 24.17 6.28
N ASN C 276 -42.84 25.32 5.75
CA ASN C 276 -43.38 26.64 6.12
C ASN C 276 -43.29 26.94 7.62
N ILE C 277 -42.11 26.69 8.18
CA ILE C 277 -41.79 27.01 9.56
C ILE C 277 -40.67 28.05 9.50
N ASP C 278 -40.75 29.08 10.34
CA ASP C 278 -39.81 30.21 10.28
C ASP C 278 -38.34 29.82 10.32
N LEU C 279 -37.76 29.74 11.53
CA LEU C 279 -36.35 29.36 11.74
C LEU C 279 -35.32 30.07 10.83
N LYS C 280 -34.89 31.25 11.27
CA LYS C 280 -33.87 32.02 10.56
C LYS C 280 -32.52 31.35 10.76
N PHE C 281 -31.62 31.51 9.79
CA PHE C 281 -30.29 30.94 9.92
C PHE C 281 -29.55 31.57 11.10
N LYS C 282 -29.91 32.81 11.44
CA LYS C 282 -29.35 33.46 12.63
C LYS C 282 -29.65 32.65 13.89
N ILE C 283 -30.87 32.15 13.99
CA ILE C 283 -31.31 31.34 15.14
C ILE C 283 -30.55 30.00 15.19
N ILE C 284 -30.47 29.32 14.05
CA ILE C 284 -29.74 28.06 13.94
C ILE C 284 -28.28 28.24 14.36
N VAL C 285 -27.66 29.24 13.76
CA VAL C 285 -26.25 29.58 13.96
C VAL C 285 -25.91 29.98 15.40
N THR C 286 -26.82 30.70 16.05
CA THR C 286 -26.62 31.07 17.46
C THR C 286 -26.70 29.85 18.39
N ALA C 287 -27.62 28.93 18.11
CA ALA C 287 -27.70 27.67 18.85
C ALA C 287 -26.48 26.80 18.57
N TYR C 288 -26.05 26.79 17.31
CA TYR C 288 -24.91 25.97 16.90
C TYR C 288 -23.67 26.22 17.75
N LYS C 289 -23.38 27.49 18.02
CA LYS C 289 -22.15 27.86 18.74
C LYS C 289 -22.13 27.31 20.19
N ASP C 290 -23.30 26.90 20.69
CA ASP C 290 -23.41 26.28 22.00
C ASP C 290 -23.06 24.78 22.00
N LEU C 291 -22.79 24.20 20.83
CA LEU C 291 -22.37 22.80 20.77
C LEU C 291 -20.95 22.66 21.33
N PRO C 292 -20.65 21.54 22.02
CA PRO C 292 -19.38 21.35 22.74
C PRO C 292 -18.12 21.88 22.04
N HIS C 293 -17.89 21.49 20.79
CA HIS C 293 -16.65 21.86 20.12
C HIS C 293 -16.88 22.72 18.88
N ALA C 294 -18.04 23.38 18.85
CA ALA C 294 -18.44 24.22 17.74
C ALA C 294 -17.62 25.50 17.66
N VAL C 295 -17.28 25.89 16.43
CA VAL C 295 -16.50 27.09 16.16
C VAL C 295 -17.23 27.92 15.09
N GLN C 296 -17.12 29.25 15.19
CA GLN C 296 -17.85 30.18 14.33
C GLN C 296 -17.45 30.09 12.85
N GLU C 297 -16.20 29.75 12.60
CA GLU C 297 -15.69 29.62 11.25
C GLU C 297 -16.54 28.65 10.42
N THR C 298 -17.09 27.65 11.09
CA THR C 298 -17.88 26.58 10.45
C THR C 298 -19.12 27.12 9.70
N PHE C 299 -19.68 28.24 10.16
CA PHE C 299 -20.78 28.87 9.43
C PHE C 299 -20.43 30.19 8.77
N LYS C 300 -19.30 30.77 9.16
CA LYS C 300 -18.83 32.03 8.58
C LYS C 300 -18.03 31.82 7.29
N ARG C 301 -17.30 30.71 7.25
CA ARG C 301 -16.41 30.40 6.12
C ARG C 301 -16.75 29.00 5.60
N VAL C 302 -17.57 28.96 4.55
CA VAL C 302 -18.02 27.72 3.92
C VAL C 302 -17.61 27.73 2.44
N LEU C 303 -17.03 26.63 1.97
CA LEU C 303 -16.62 26.54 0.58
C LEU C 303 -17.82 26.61 -0.36
N ILE C 304 -17.72 27.49 -1.36
CA ILE C 304 -18.75 27.60 -2.38
C ILE C 304 -18.27 26.88 -3.63
N LYS C 305 -17.50 27.59 -4.44
CA LYS C 305 -16.93 27.03 -5.66
C LYS C 305 -15.43 27.25 -5.66
N GLU C 306 -14.72 26.34 -6.32
CA GLU C 306 -13.26 26.43 -6.50
C GLU C 306 -12.59 26.63 -5.15
N GLU C 307 -12.06 27.82 -4.89
CA GLU C 307 -11.58 28.14 -3.55
C GLU C 307 -12.15 29.47 -3.07
N GLU C 308 -13.42 29.70 -3.40
CA GLU C 308 -14.16 30.85 -2.91
C GLU C 308 -14.96 30.43 -1.68
N TYR C 309 -14.77 31.16 -0.59
CA TYR C 309 -15.48 30.90 0.65
C TYR C 309 -16.45 32.03 0.95
N ASP C 310 -17.58 31.70 1.54
CA ASP C 310 -18.60 32.66 1.93
C ASP C 310 -19.41 32.07 3.09
N SER C 311 -20.45 32.77 3.52
CA SER C 311 -21.27 32.37 4.67
C SER C 311 -22.11 31.14 4.36
N ILE C 312 -22.58 30.48 5.43
CA ILE C 312 -23.43 29.29 5.29
C ILE C 312 -24.72 29.56 4.49
N ILE C 313 -25.31 30.75 4.63
CA ILE C 313 -26.48 31.12 3.83
C ILE C 313 -26.14 31.11 2.33
N VAL C 314 -24.98 31.63 1.96
CA VAL C 314 -24.55 31.64 0.57
C VAL C 314 -24.35 30.21 0.04
N PHE C 315 -23.82 29.33 0.90
CA PHE C 315 -23.66 27.91 0.56
C PHE C 315 -25.02 27.23 0.34
N TYR C 316 -25.96 27.52 1.25
CA TYR C 316 -27.29 26.96 1.15
C TYR C 316 -27.93 27.33 -0.19
N ASN C 317 -27.81 28.61 -0.55
CA ASN C 317 -28.53 29.12 -1.71
C ASN C 317 -27.89 28.75 -3.03
N SER C 318 -26.56 28.76 -3.10
CA SER C 318 -25.90 28.58 -4.38
C SER C 318 -25.40 27.18 -4.66
N VAL C 319 -25.17 26.38 -3.61
CA VAL C 319 -24.62 25.01 -3.76
C VAL C 319 -25.61 23.94 -3.30
N PHE C 320 -26.00 24.01 -2.02
CA PHE C 320 -26.87 23.01 -1.38
C PHE C 320 -28.19 22.85 -2.12
N MET C 321 -28.91 23.96 -2.27
CA MET C 321 -30.21 24.00 -2.95
C MET C 321 -30.08 23.62 -4.41
N GLN C 322 -29.04 24.13 -5.07
CA GLN C 322 -28.77 23.79 -6.46
C GLN C 322 -28.76 22.28 -6.66
N ARG C 323 -28.23 21.56 -5.67
CA ARG C 323 -28.14 20.12 -5.75
C ARG C 323 -29.39 19.39 -5.25
N LEU C 324 -30.07 19.95 -4.25
CA LEU C 324 -31.12 19.22 -3.53
C LEU C 324 -32.54 19.78 -3.68
N LYS C 325 -32.70 20.80 -4.52
CA LYS C 325 -34.01 21.44 -4.70
C LYS C 325 -35.14 20.45 -4.96
N THR C 326 -34.94 19.53 -5.92
CA THR C 326 -35.97 18.57 -6.31
C THR C 326 -36.27 17.59 -5.18
N ASN C 327 -35.21 17.15 -4.51
CA ASN C 327 -35.33 16.22 -3.39
C ASN C 327 -36.14 16.79 -2.21
N ILE C 328 -35.96 18.10 -1.91
CA ILE C 328 -36.63 18.75 -0.79
C ILE C 328 -38.13 18.96 -1.07
N LEU C 329 -38.45 19.27 -2.32
CA LEU C 329 -39.83 19.45 -2.77
C LEU C 329 -40.69 18.22 -2.49
N GLN C 330 -40.04 17.06 -2.48
CA GLN C 330 -40.70 15.77 -2.18
C GLN C 330 -41.20 15.68 -0.74
N TYR C 331 -40.56 16.42 0.16
CA TYR C 331 -40.98 16.44 1.57
C TYR C 331 -42.26 17.27 1.80
N ALA C 332 -42.60 18.13 0.84
CA ALA C 332 -43.90 18.81 0.86
C ALA C 332 -44.84 18.23 -0.21
N SER C 333 -44.51 17.00 -0.65
CA SER C 333 -45.31 16.29 -1.66
C SER C 333 -46.41 15.46 -1.00
N THR C 334 -47.36 14.98 -1.82
CA THR C 334 -48.48 14.15 -1.32
C THR C 334 -48.00 12.77 -0.87
N ARG C 335 -46.91 12.31 -1.49
CA ARG C 335 -46.24 11.07 -1.10
C ARG C 335 -44.76 11.35 -0.84
N PRO C 336 -44.42 11.71 0.43
CA PRO C 336 -43.02 11.94 0.80
C PRO C 336 -42.21 10.64 0.78
N PRO C 337 -40.87 10.73 0.69
CA PRO C 337 -40.08 9.50 0.77
C PRO C 337 -40.24 8.82 2.13
N THR C 338 -39.95 7.53 2.18
CA THR C 338 -39.90 6.79 3.43
C THR C 338 -38.84 7.42 4.34
N LEU C 339 -39.17 7.62 5.62
CA LEU C 339 -38.26 8.26 6.57
C LEU C 339 -37.11 7.32 7.01
N SER C 340 -35.91 7.88 7.07
CA SER C 340 -34.71 7.11 7.42
C SER C 340 -34.74 6.68 8.89
N PRO C 341 -34.40 5.41 9.16
CA PRO C 341 -34.30 4.97 10.55
C PRO C 341 -33.33 5.81 11.36
N ILE C 342 -33.67 6.04 12.62
CA ILE C 342 -32.80 6.74 13.56
C ILE C 342 -31.65 5.80 13.93
N PRO C 343 -30.39 6.32 13.86
CA PRO C 343 -29.22 5.50 14.21
C PRO C 343 -29.28 4.96 15.64
N HIS C 344 -28.88 3.70 15.80
CA HIS C 344 -28.83 3.05 17.11
C HIS C 344 -27.74 3.64 18.01
N ILE C 345 -28.12 3.97 19.24
CA ILE C 345 -27.29 4.68 20.24
C ILE C 345 -26.52 5.89 19.69
N PRO D 1 -16.33 -3.32 19.27
CA PRO D 1 -15.30 -2.87 18.30
C PRO D 1 -15.08 -3.87 17.18
N PRO D 2 -15.12 -3.40 15.92
CA PRO D 2 -15.13 -4.31 14.79
C PRO D 2 -13.80 -5.04 14.63
N THR D 3 -13.82 -6.17 13.92
CA THR D 3 -12.58 -6.89 13.65
C THR D 3 -11.68 -6.08 12.71
N LEU D 4 -10.39 -6.32 12.79
CA LEU D 4 -9.46 -5.74 11.83
C LEU D 4 -9.82 -6.20 10.41
N HIS D 5 -10.28 -7.46 10.24
CA HIS D 5 -10.71 -7.93 8.90
C HIS D 5 -11.81 -7.03 8.32
N GLU D 6 -12.76 -6.64 9.15
CA GLU D 6 -13.84 -5.72 8.73
C GLU D 6 -13.27 -4.34 8.37
N LEU D 7 -12.40 -3.81 9.23
CA LEU D 7 -11.86 -2.48 9.07
C LEU D 7 -11.02 -2.35 7.81
N TYR D 8 -10.46 -3.48 7.32
CA TYR D 8 -9.55 -3.47 6.16
C TYR D 8 -10.09 -4.23 4.94
N ASP D 9 -11.39 -4.52 4.99
CA ASP D 9 -12.09 -5.18 3.89
C ASP D 9 -11.40 -6.51 3.51
N LEU D 10 -11.09 -7.31 4.53
CA LEU D 10 -10.40 -8.58 4.33
C LEU D 10 -11.29 -9.81 4.62
N PRO E 1 12.14 -46.83 -13.96
CA PRO E 1 13.42 -46.93 -13.27
C PRO E 1 13.28 -47.58 -11.87
N PRO E 2 14.32 -48.30 -11.42
CA PRO E 2 14.34 -48.86 -10.04
C PRO E 2 14.21 -47.77 -8.98
N THR E 3 14.87 -46.63 -9.22
CA THR E 3 14.76 -45.47 -8.34
C THR E 3 14.80 -44.18 -9.16
N LEU E 4 14.11 -43.15 -8.67
CA LEU E 4 14.20 -41.82 -9.28
C LEU E 4 15.34 -41.01 -8.66
N HIS E 5 15.94 -41.54 -7.61
CA HIS E 5 17.00 -40.87 -6.89
C HIS E 5 18.30 -40.77 -7.66
N GLU E 6 19.00 -39.66 -7.43
CA GLU E 6 20.34 -39.45 -7.94
C GLU E 6 21.31 -40.01 -6.90
N LEU E 7 22.06 -41.03 -7.30
CA LEU E 7 22.96 -41.74 -6.40
C LEU E 7 24.37 -41.12 -6.37
N TYR E 8 24.56 -40.08 -7.18
CA TYR E 8 25.84 -39.38 -7.26
C TYR E 8 25.89 -38.08 -6.47
N ASP E 9 27.13 -37.65 -6.19
CA ASP E 9 27.49 -36.35 -5.62
C ASP E 9 26.99 -36.17 -4.18
#